data_4NG4
#
_entry.id   4NG4
#
_cell.length_a   158.148
_cell.length_b   91.568
_cell.length_c   88.412
_cell.angle_alpha   90.00
_cell.angle_beta   102.17
_cell.angle_gamma   90.00
#
_symmetry.space_group_name_H-M   'C 1 2 1'
#
loop_
_entity.id
_entity.type
_entity.pdbx_description
1 polymer 'Phosphoglycerate kinase'
2 non-polymer 'MAGNESIUM ION'
3 non-polymer "ADENOSINE-5'-DIPHOSPHATE"
#
_entity_poly.entity_id   1
_entity_poly.type   'polypeptide(L)'
_entity_poly.pdbx_seq_one_letter_code
;SNAMSENKMKALPFLSMSNLNLHNKRVMIREDLNVPMKNGKITNDERIVRALPTIQKAIEQKARVMILSHLGRPEEGKFE
KEFSLAPVARLLSKKLNQKVPLINDWLKGVAVEPGQAILCENVRFNKGENENNTELAKRMAELCDIFVMDAFATAHRAQA
STAGVAAYAKLACAGPLLISEVEALSRALENPQKPLVAVVGGSKVSTKIHLLENLLDKVDQLIVGGGIANTFLKAQGYSI
GKSLCENEWLDAAQQFWEKAAEKNVSLPLPVDVIVADELSEDAKATVKNIDAVTSNESIFDVGPNTSATYAKLMAQAGTI
VWNGPIGVFEIEAFSQGTRALAQAVAKSTAYSIVGGGDTLAALDKFNLTDQMSYVSTAGGAFLEFLEGKILPAIKILTQR
AKEY
;
_entity_poly.pdbx_strand_id   A,B,C
#
loop_
_chem_comp.id
_chem_comp.type
_chem_comp.name
_chem_comp.formula
ADP non-polymer ADENOSINE-5'-DIPHOSPHATE 'C10 H15 N5 O10 P2'
MG non-polymer 'MAGNESIUM ION' 'Mg 2'
#
# COMPACT_ATOMS: atom_id res chain seq x y z
N PRO A 13 9.22 22.02 -30.55
CA PRO A 13 9.12 23.43 -30.20
C PRO A 13 10.32 23.91 -29.37
N PHE A 14 10.70 23.13 -28.35
CA PHE A 14 11.80 23.50 -27.45
C PHE A 14 12.57 22.26 -26.99
N LEU A 15 13.67 22.48 -26.28
CA LEU A 15 14.52 21.41 -25.75
C LEU A 15 13.90 20.67 -24.57
N SER A 16 14.30 19.41 -24.43
CA SER A 16 13.76 18.52 -23.40
C SER A 16 14.88 17.94 -22.53
N MET A 17 14.53 17.56 -21.31
CA MET A 17 15.45 16.93 -20.37
C MET A 17 15.91 15.54 -20.87
N SER A 18 15.02 14.84 -21.58
CA SER A 18 15.31 13.53 -22.13
C SER A 18 16.41 13.53 -23.19
N ASN A 19 16.53 14.66 -23.91
CA ASN A 19 17.50 14.78 -25.00
C ASN A 19 18.84 15.39 -24.57
N LEU A 20 18.97 15.70 -23.27
CA LEU A 20 20.20 16.30 -22.74
C LEU A 20 20.93 15.35 -21.79
N ASN A 21 22.25 15.47 -21.75
CA ASN A 21 23.11 14.63 -20.94
C ASN A 21 23.38 15.27 -19.57
N LEU A 22 22.90 14.61 -18.50
CA LEU A 22 22.91 15.19 -17.14
C LEU A 22 23.98 14.61 -16.23
N HIS A 23 24.83 13.74 -16.77
CA HIS A 23 25.91 13.11 -16.01
C HIS A 23 26.74 14.15 -15.28
N ASN A 24 26.69 14.11 -13.94
CA ASN A 24 27.58 14.90 -13.08
C ASN A 24 27.39 16.41 -13.17
N LYS A 25 26.27 16.85 -13.77
CA LYS A 25 26.02 18.26 -13.92
C LYS A 25 25.19 18.79 -12.76
N ARG A 26 25.21 20.12 -12.58
CA ARG A 26 24.32 20.78 -11.63
C ARG A 26 23.03 21.08 -12.37
N VAL A 27 21.93 20.52 -11.87
CA VAL A 27 20.64 20.61 -12.55
C VAL A 27 19.63 21.24 -11.64
N MET A 28 19.02 22.30 -12.14
CA MET A 28 18.05 23.09 -11.38
C MET A 28 16.66 22.81 -11.96
N ILE A 29 15.84 22.09 -11.20
CA ILE A 29 14.50 21.71 -11.63
C ILE A 29 13.44 22.57 -10.91
N ARG A 30 12.72 23.39 -11.68
CA ARG A 30 11.60 24.15 -11.14
C ARG A 30 10.36 23.28 -11.16
N GLU A 31 9.84 23.01 -9.98
CA GLU A 31 8.64 22.19 -9.81
C GLU A 31 7.54 22.99 -9.10
N ASP A 32 6.32 22.45 -9.18
CA ASP A 32 5.14 22.98 -8.48
C ASP A 32 4.89 22.01 -7.33
N LEU A 33 5.53 22.28 -6.21
CA LEU A 33 5.36 21.51 -4.96
C LEU A 33 4.51 22.30 -3.96
N ASN A 34 3.69 23.23 -4.47
CA ASN A 34 2.87 24.17 -3.69
C ASN A 34 1.66 23.46 -3.08
N VAL A 35 1.93 22.66 -2.06
CA VAL A 35 0.91 21.79 -1.49
C VAL A 35 0.06 22.52 -0.45
N PRO A 36 -1.22 22.10 -0.29
CA PRO A 36 -2.07 22.56 0.83
C PRO A 36 -1.51 22.17 2.21
N MET A 37 -1.78 22.97 3.23
CA MET A 37 -1.27 22.71 4.58
C MET A 37 -2.24 23.17 5.69
N LYS A 38 -2.28 22.39 6.77
CA LYS A 38 -3.09 22.72 7.94
C LYS A 38 -2.20 22.74 9.15
N ASN A 39 -2.07 23.92 9.77
CA ASN A 39 -1.28 24.08 10.98
C ASN A 39 0.00 23.21 10.93
N GLY A 40 0.78 23.41 9.88
CA GLY A 40 2.11 22.79 9.79
C GLY A 40 2.23 21.48 9.04
N LYS A 41 1.12 20.81 8.72
CA LYS A 41 1.19 19.52 8.01
C LYS A 41 0.54 19.57 6.62
N ILE A 42 0.90 18.60 5.78
CA ILE A 42 0.42 18.56 4.41
C ILE A 42 -0.88 17.80 4.37
N THR A 43 -1.87 18.33 3.67
CA THR A 43 -3.17 17.68 3.51
C THR A 43 -3.36 17.03 2.13
N ASN A 44 -2.54 17.42 1.16
CA ASN A 44 -2.64 16.85 -0.19
C ASN A 44 -1.28 16.90 -0.88
N ASP A 45 -0.77 15.74 -1.28
CA ASP A 45 0.61 15.64 -1.79
C ASP A 45 0.65 15.22 -3.24
N GLU A 46 -0.48 15.30 -3.92
CA GLU A 46 -0.58 14.86 -5.30
C GLU A 46 0.51 15.50 -6.19
N ARG A 47 0.93 16.72 -5.82
CA ARG A 47 1.90 17.46 -6.61
C ARG A 47 3.29 16.89 -6.44
N ILE A 48 3.61 16.46 -5.22
CA ILE A 48 4.89 15.79 -4.99
C ILE A 48 4.91 14.47 -5.76
N VAL A 49 3.84 13.68 -5.61
CA VAL A 49 3.71 12.38 -6.30
C VAL A 49 3.87 12.55 -7.82
N ARG A 50 3.32 13.65 -8.34
CA ARG A 50 3.41 13.97 -9.78
C ARG A 50 4.84 14.38 -10.17
N ALA A 51 5.47 15.22 -9.35
CA ALA A 51 6.82 15.72 -9.63
C ALA A 51 7.92 14.67 -9.43
N LEU A 52 7.63 13.60 -8.68
CA LEU A 52 8.68 12.65 -8.30
C LEU A 52 9.52 12.12 -9.47
N PRO A 53 8.89 11.55 -10.50
CA PRO A 53 9.67 10.90 -11.57
C PRO A 53 10.76 11.78 -12.20
N THR A 54 10.46 13.07 -12.38
CA THR A 54 11.43 14.04 -12.91
C THR A 54 12.67 14.08 -12.02
N ILE A 55 12.45 14.00 -10.72
CA ILE A 55 13.53 13.99 -9.75
C ILE A 55 14.21 12.60 -9.70
N GLN A 56 13.45 11.54 -9.96
CA GLN A 56 14.03 10.20 -9.99
C GLN A 56 14.93 9.99 -11.23
N LYS A 57 14.51 10.53 -12.36
CA LYS A 57 15.27 10.40 -13.61
C LYS A 57 16.59 11.20 -13.56
N ALA A 58 16.56 12.33 -12.86
CA ALA A 58 17.76 13.16 -12.70
C ALA A 58 18.79 12.45 -11.84
N ILE A 59 18.35 11.93 -10.69
CA ILE A 59 19.20 11.15 -9.78
C ILE A 59 19.73 9.88 -10.45
N GLU A 60 18.87 9.19 -11.20
CA GLU A 60 19.25 7.94 -11.87
C GLU A 60 20.33 8.18 -12.91
N GLN A 61 20.31 9.36 -13.53
CA GLN A 61 21.39 9.78 -14.44
C GLN A 61 22.52 10.50 -13.70
N LYS A 62 22.45 10.49 -12.37
CA LYS A 62 23.50 11.02 -11.48
C LYS A 62 23.76 12.51 -11.69
N ALA A 63 22.66 13.26 -11.81
CA ALA A 63 22.72 14.71 -11.77
C ALA A 63 23.01 15.15 -10.34
N ARG A 64 23.48 16.38 -10.20
CA ARG A 64 23.55 17.05 -8.91
C ARG A 64 22.30 17.92 -8.86
N VAL A 65 21.29 17.46 -8.11
CA VAL A 65 19.94 18.02 -8.27
C VAL A 65 19.56 19.11 -7.27
N MET A 66 19.19 20.28 -7.79
CA MET A 66 18.63 21.36 -6.99
C MET A 66 17.15 21.55 -7.32
N ILE A 67 16.28 21.19 -6.38
CA ILE A 67 14.84 21.23 -6.61
C ILE A 67 14.28 22.58 -6.21
N LEU A 68 13.63 23.26 -7.15
CA LEU A 68 13.16 24.63 -6.95
C LEU A 68 11.63 24.68 -6.93
N SER A 69 11.04 25.41 -5.99
CA SER A 69 9.59 25.51 -5.92
C SER A 69 9.08 26.72 -5.13
N HIS A 70 7.79 27.03 -5.36
CA HIS A 70 7.15 28.08 -4.62
C HIS A 70 6.28 27.42 -3.55
N LEU A 71 5.78 28.22 -2.61
CA LEU A 71 4.83 27.74 -1.60
C LEU A 71 4.07 28.93 -1.06
N GLY A 72 2.75 28.92 -1.22
CA GLY A 72 1.93 30.04 -0.79
C GLY A 72 2.31 31.38 -1.39
N ARG A 73 1.99 32.44 -0.66
CA ARG A 73 2.35 33.80 -1.01
C ARG A 73 2.96 34.50 0.22
N PRO A 74 4.28 34.33 0.41
CA PRO A 74 4.99 35.02 1.48
C PRO A 74 5.33 36.46 1.10
N GLU A 75 5.76 37.25 2.08
CA GLU A 75 6.27 38.61 1.84
C GLU A 75 7.74 38.50 1.41
N GLU A 76 8.03 38.96 0.19
CA GLU A 76 9.38 38.87 -0.33
C GLU A 76 10.38 39.51 0.63
N GLY A 77 11.32 38.69 1.07
CA GLY A 77 12.38 39.12 1.99
C GLY A 77 12.08 38.79 3.44
N LYS A 78 10.88 38.28 3.72
CA LYS A 78 10.46 37.99 5.08
C LYS A 78 10.21 36.50 5.27
N PHE A 79 11.22 35.82 5.79
CA PHE A 79 11.13 34.39 6.08
C PHE A 79 10.12 34.12 7.20
N GLU A 80 9.20 33.20 6.92
CA GLU A 80 8.27 32.66 7.91
C GLU A 80 8.16 31.16 7.71
N LYS A 81 8.13 30.41 8.81
CA LYS A 81 8.06 28.96 8.77
C LYS A 81 6.77 28.46 8.12
N GLU A 82 5.72 29.26 8.25
CA GLU A 82 4.43 29.05 7.60
C GLU A 82 4.56 28.79 6.08
N PHE A 83 5.56 29.39 5.44
CA PHE A 83 5.77 29.21 4.02
C PHE A 83 7.14 28.57 3.76
N SER A 84 7.55 27.69 4.66
CA SER A 84 8.79 26.95 4.48
C SER A 84 8.53 25.64 3.74
N LEU A 85 9.40 25.28 2.80
CA LEU A 85 9.32 23.99 2.14
C LEU A 85 9.86 22.82 3.01
N ALA A 86 9.95 23.03 4.32
CA ALA A 86 10.48 22.03 5.24
C ALA A 86 9.67 20.73 5.20
N PRO A 87 8.34 20.80 5.45
CA PRO A 87 7.51 19.57 5.43
C PRO A 87 7.58 18.83 4.09
N VAL A 88 7.74 19.57 3.01
CA VAL A 88 7.95 18.96 1.71
C VAL A 88 9.25 18.19 1.72
N ALA A 89 10.32 18.83 2.22
CA ALA A 89 11.67 18.26 2.23
C ALA A 89 11.74 16.93 3.00
N ARG A 90 10.94 16.83 4.06
CA ARG A 90 10.83 15.57 4.78
C ARG A 90 10.07 14.56 3.92
N LEU A 91 8.97 15.03 3.32
CA LEU A 91 8.10 14.17 2.53
C LEU A 91 8.75 13.70 1.21
N LEU A 92 9.72 14.47 0.71
CA LEU A 92 10.52 14.07 -0.47
C LEU A 92 11.53 12.98 -0.15
N SER A 93 12.24 13.13 0.96
CA SER A 93 13.24 12.15 1.39
C SER A 93 12.58 10.80 1.61
N LYS A 94 11.44 10.81 2.29
CA LYS A 94 10.63 9.61 2.55
C LYS A 94 10.40 8.86 1.24
N LYS A 95 10.18 9.60 0.15
CA LYS A 95 9.97 9.02 -1.17
C LYS A 95 11.27 8.53 -1.79
N PRO A 101 17.78 17.44 1.89
CA PRO A 101 17.86 18.50 2.89
C PRO A 101 17.34 19.82 2.35
N LEU A 102 16.68 20.59 3.22
CA LEU A 102 16.21 21.94 2.91
C LEU A 102 17.39 22.92 2.93
N ILE A 103 17.76 23.47 1.76
CA ILE A 103 18.87 24.42 1.69
C ILE A 103 18.35 25.86 1.68
N ASN A 104 18.83 26.66 2.63
CA ASN A 104 18.23 27.94 2.93
C ASN A 104 18.92 29.15 2.30
N ASP A 105 20.25 29.17 2.38
CA ASP A 105 21.06 30.26 1.81
C ASP A 105 21.57 29.84 0.42
N TRP A 106 20.67 29.33 -0.40
CA TRP A 106 21.08 28.64 -1.63
C TRP A 106 21.64 29.55 -2.74
N LEU A 107 21.38 30.86 -2.66
CA LEU A 107 21.77 31.80 -3.72
C LEU A 107 23.26 32.01 -3.81
N LYS A 108 23.93 31.91 -2.66
CA LYS A 108 25.40 32.05 -2.59
C LYS A 108 26.13 30.77 -3.00
N GLY A 109 25.39 29.70 -3.30
CA GLY A 109 25.97 28.46 -3.82
C GLY A 109 25.67 27.26 -2.95
N VAL A 110 25.72 26.06 -3.53
CA VAL A 110 25.62 24.82 -2.77
C VAL A 110 26.39 23.71 -3.46
N ALA A 111 27.22 23.01 -2.69
CA ALA A 111 27.78 21.75 -3.10
C ALA A 111 26.64 20.74 -3.08
N VAL A 112 26.60 19.88 -4.09
CA VAL A 112 25.63 18.80 -4.18
C VAL A 112 26.32 17.65 -4.90
N GLU A 113 26.38 16.49 -4.26
CA GLU A 113 27.10 15.34 -4.82
C GLU A 113 26.29 14.76 -5.98
N PRO A 114 26.98 14.15 -6.97
CA PRO A 114 26.23 13.47 -8.02
C PRO A 114 25.27 12.41 -7.47
N GLY A 115 24.01 12.47 -7.89
CA GLY A 115 23.03 11.46 -7.52
C GLY A 115 22.15 11.81 -6.31
N GLN A 116 22.55 12.79 -5.51
CA GLN A 116 21.69 13.28 -4.44
C GLN A 116 20.92 14.51 -4.91
N ALA A 117 19.95 14.93 -4.10
CA ALA A 117 19.06 16.04 -4.46
C ALA A 117 18.75 16.91 -3.26
N ILE A 118 18.81 18.23 -3.46
CA ILE A 118 18.49 19.17 -2.39
C ILE A 118 17.31 20.03 -2.82
N LEU A 119 16.54 20.50 -1.85
CA LEU A 119 15.38 21.36 -2.09
C LEU A 119 15.67 22.76 -1.56
N CYS A 120 15.77 23.71 -2.49
CA CYS A 120 15.94 25.12 -2.15
C CYS A 120 14.69 25.63 -1.45
N GLU A 121 14.89 26.55 -0.50
CA GLU A 121 13.79 27.12 0.24
C GLU A 121 12.91 27.98 -0.68
N ASN A 122 11.59 27.97 -0.43
CA ASN A 122 10.59 28.80 -1.13
C ASN A 122 11.21 29.97 -1.93
N VAL A 123 11.06 29.92 -3.25
CA VAL A 123 11.66 30.92 -4.13
C VAL A 123 11.02 32.27 -4.00
N ARG A 124 9.78 32.29 -3.49
CA ARG A 124 9.04 33.53 -3.30
C ARG A 124 9.46 34.34 -2.07
N PHE A 125 10.43 33.84 -1.31
CA PHE A 125 11.03 34.62 -0.24
C PHE A 125 11.96 35.68 -0.80
N ASN A 126 12.57 35.39 -1.95
CA ASN A 126 13.59 36.26 -2.52
C ASN A 126 13.02 37.59 -3.00
N LYS A 127 13.51 38.70 -2.42
CA LYS A 127 13.36 40.03 -3.03
C LYS A 127 13.58 39.91 -4.54
N GLY A 128 12.50 40.10 -5.32
CA GLY A 128 12.60 40.20 -6.79
C GLY A 128 12.02 39.07 -7.63
N GLU A 129 11.54 38.01 -6.99
CA GLU A 129 10.92 36.90 -7.71
C GLU A 129 9.73 37.35 -8.54
N ASN A 130 8.78 38.01 -7.88
CA ASN A 130 7.56 38.44 -8.55
C ASN A 130 7.73 39.49 -9.71
N GLU A 131 8.79 40.29 -9.67
CA GLU A 131 9.06 41.25 -10.74
C GLU A 131 9.96 40.67 -11.85
N ASN A 132 10.38 39.42 -11.71
CA ASN A 132 11.32 38.82 -12.65
C ASN A 132 12.55 39.70 -12.81
N ASN A 133 13.10 40.09 -11.66
CA ASN A 133 14.28 40.95 -11.56
C ASN A 133 15.47 40.33 -12.29
N THR A 134 16.14 41.13 -13.12
CA THR A 134 17.25 40.64 -13.91
C THR A 134 18.37 40.11 -13.02
N GLU A 135 18.83 40.95 -12.10
CA GLU A 135 19.98 40.61 -11.25
C GLU A 135 19.73 39.30 -10.53
N LEU A 136 18.58 39.16 -9.90
CA LEU A 136 18.19 37.90 -9.24
C LEU A 136 18.27 36.71 -10.17
N ALA A 137 17.78 36.89 -11.40
CA ALA A 137 17.72 35.82 -12.39
C ALA A 137 19.10 35.38 -12.80
N LYS A 138 19.97 36.33 -13.12
CA LYS A 138 21.36 36.02 -13.49
C LYS A 138 22.05 35.21 -12.40
N ARG A 139 21.74 35.52 -11.15
CA ARG A 139 22.34 34.85 -9.99
C ARG A 139 21.87 33.40 -9.90
N MET A 140 20.58 33.18 -10.15
CA MET A 140 20.02 31.83 -10.23
C MET A 140 20.68 31.04 -11.36
N ALA A 141 20.95 31.73 -12.47
CA ALA A 141 21.56 31.10 -13.66
C ALA A 141 23.03 30.75 -13.43
N GLU A 142 23.68 31.53 -12.56
CA GLU A 142 25.05 31.28 -12.11
C GLU A 142 25.15 29.91 -11.42
N LEU A 143 24.14 29.58 -10.62
CA LEU A 143 24.16 28.39 -9.74
C LEU A 143 24.00 27.03 -10.44
N CYS A 144 23.78 27.02 -11.76
CA CYS A 144 23.54 25.75 -12.45
C CYS A 144 24.09 25.68 -13.88
N ASP A 145 24.38 24.45 -14.30
CA ASP A 145 24.74 24.16 -15.69
C ASP A 145 23.49 24.13 -16.55
N ILE A 146 22.47 23.41 -16.09
CA ILE A 146 21.21 23.24 -16.82
C ILE A 146 20.01 23.64 -15.97
N PHE A 147 19.06 24.33 -16.58
CA PHE A 147 17.78 24.65 -15.96
C PHE A 147 16.67 23.86 -16.62
N VAL A 148 15.83 23.22 -15.81
CA VAL A 148 14.70 22.44 -16.30
C VAL A 148 13.39 23.03 -15.78
N MET A 149 12.65 23.71 -16.66
CA MET A 149 11.32 24.20 -16.32
C MET A 149 10.34 23.07 -16.43
N ASP A 150 9.95 22.53 -15.28
CA ASP A 150 9.02 21.42 -15.20
C ASP A 150 7.77 21.83 -14.42
N ALA A 151 7.33 23.09 -14.61
CA ALA A 151 6.24 23.66 -13.79
C ALA A 151 5.16 24.44 -14.60
N PHE A 152 4.39 23.72 -15.41
CA PHE A 152 3.37 24.34 -16.28
C PHE A 152 2.34 25.19 -15.51
N ALA A 153 1.96 24.77 -14.31
CA ALA A 153 1.02 25.56 -13.49
C ALA A 153 1.53 26.96 -13.14
N THR A 154 2.82 27.20 -13.35
CA THR A 154 3.46 28.49 -13.07
C THR A 154 3.89 29.24 -14.35
N ALA A 155 3.90 28.55 -15.49
CA ALA A 155 4.47 29.08 -16.74
C ALA A 155 3.80 30.32 -17.32
N HIS A 156 2.59 30.63 -16.84
CA HIS A 156 1.79 31.70 -17.40
C HIS A 156 2.11 33.08 -16.81
N ARG A 157 3.06 33.12 -15.87
CA ARG A 157 3.53 34.38 -15.29
C ARG A 157 5.04 34.45 -15.36
N ALA A 158 5.55 35.68 -15.51
CA ALA A 158 6.96 35.93 -15.67
C ALA A 158 7.54 36.23 -14.31
N GLN A 159 8.35 35.30 -13.83
CA GLN A 159 8.97 35.42 -12.52
C GLN A 159 10.38 34.86 -12.60
N ALA A 160 11.30 35.42 -11.82
CA ALA A 160 12.71 35.03 -11.86
C ALA A 160 12.93 33.51 -11.97
N SER A 161 12.13 32.77 -11.21
CA SER A 161 12.24 31.32 -11.12
C SER A 161 11.53 30.53 -12.22
N THR A 162 10.67 31.22 -13.00
CA THR A 162 9.92 30.60 -14.12
C THR A 162 10.31 31.12 -15.51
N ALA A 163 10.90 32.30 -15.56
CA ALA A 163 11.16 33.00 -16.81
C ALA A 163 12.58 33.57 -16.89
N GLY A 164 12.91 34.43 -15.94
CA GLY A 164 14.21 35.12 -15.93
C GLY A 164 15.39 34.17 -15.92
N VAL A 165 15.36 33.19 -15.03
CA VAL A 165 16.46 32.24 -14.91
C VAL A 165 16.71 31.52 -16.23
N ALA A 166 15.63 31.09 -16.90
CA ALA A 166 15.74 30.41 -18.19
C ALA A 166 16.30 31.32 -19.29
N ALA A 167 16.07 32.63 -19.16
CA ALA A 167 16.60 33.59 -20.11
C ALA A 167 18.13 33.62 -20.12
N TYR A 168 18.74 33.42 -18.94
CA TYR A 168 20.20 33.56 -18.76
C TYR A 168 20.96 32.29 -18.32
N ALA A 169 20.30 31.13 -18.34
CA ALA A 169 20.94 29.87 -17.93
C ALA A 169 21.69 29.24 -19.10
N LYS A 170 22.92 28.77 -18.85
CA LYS A 170 23.79 28.10 -19.85
C LYS A 170 23.01 27.20 -20.81
N LEU A 171 22.15 26.36 -20.24
CA LEU A 171 21.36 25.40 -20.99
C LEU A 171 19.97 25.35 -20.35
N ALA A 172 18.93 25.58 -21.14
CA ALA A 172 17.54 25.61 -20.61
C ALA A 172 16.61 24.69 -21.40
N CYS A 173 15.73 24.00 -20.69
CA CYS A 173 14.84 23.02 -21.30
C CYS A 173 13.57 22.81 -20.46
N ALA A 174 12.67 21.98 -20.96
CA ALA A 174 11.46 21.62 -20.24
C ALA A 174 11.58 20.19 -19.70
N GLY A 175 10.98 19.93 -18.54
CA GLY A 175 10.92 18.60 -17.96
C GLY A 175 9.76 17.82 -18.53
N PRO A 176 9.64 16.53 -18.17
CA PRO A 176 8.58 15.65 -18.72
C PRO A 176 7.13 16.01 -18.32
N LEU A 177 6.90 16.64 -17.17
CA LEU A 177 5.54 17.02 -16.80
C LEU A 177 5.00 18.13 -17.70
N LEU A 178 5.79 19.18 -17.87
CA LEU A 178 5.45 20.27 -18.78
C LEU A 178 5.31 19.68 -20.17
N ILE A 179 6.07 18.61 -20.42
CA ILE A 179 5.96 17.86 -21.67
C ILE A 179 4.61 17.14 -21.80
N SER A 180 4.19 16.41 -20.76
CA SER A 180 2.91 15.72 -20.83
C SER A 180 1.79 16.73 -21.05
N GLU A 181 1.78 17.77 -20.23
CA GLU A 181 0.76 18.80 -20.31
C GLU A 181 0.75 19.48 -21.68
N VAL A 182 1.92 19.84 -22.20
CA VAL A 182 1.93 20.48 -23.52
C VAL A 182 1.47 19.48 -24.59
N GLU A 183 1.96 18.24 -24.52
CA GLU A 183 1.58 17.22 -25.49
C GLU A 183 0.05 17.09 -25.57
N ALA A 184 -0.60 16.96 -24.42
CA ALA A 184 -2.04 16.75 -24.35
C ALA A 184 -2.82 17.95 -24.86
N LEU A 185 -2.53 19.12 -24.32
CA LEU A 185 -3.23 20.32 -24.73
C LEU A 185 -3.08 20.56 -26.22
N SER A 186 -1.83 20.60 -26.69
CA SER A 186 -1.55 20.95 -28.08
C SER A 186 -1.91 19.83 -29.04
N ARG A 187 -1.81 18.57 -28.60
CA ARG A 187 -2.34 17.44 -29.38
C ARG A 187 -3.77 17.72 -29.84
N ALA A 188 -4.60 18.19 -28.92
CA ALA A 188 -5.99 18.50 -29.23
C ALA A 188 -6.20 19.94 -29.64
N LEU A 189 -5.19 20.57 -30.24
CA LEU A 189 -5.31 21.98 -30.71
C LEU A 189 -4.49 22.36 -31.96
N GLU A 190 -3.70 21.44 -32.51
CA GLU A 190 -2.89 21.77 -33.70
C GLU A 190 -2.89 20.66 -34.75
N ASN A 191 -3.32 19.47 -34.36
CA ASN A 191 -3.83 18.48 -35.30
C ASN A 191 -4.74 17.53 -34.54
N PRO A 192 -5.94 18.02 -34.20
CA PRO A 192 -6.92 17.19 -33.51
C PRO A 192 -7.45 16.11 -34.42
N GLN A 193 -7.81 14.96 -33.85
CA GLN A 193 -8.55 13.97 -34.60
C GLN A 193 -9.97 14.53 -34.74
N LYS A 194 -10.38 14.88 -35.96
CA LYS A 194 -11.67 15.54 -36.18
C LYS A 194 -12.85 14.55 -36.05
N PRO A 195 -14.05 15.06 -35.77
CA PRO A 195 -14.37 16.45 -35.35
C PRO A 195 -13.83 16.79 -33.97
N LEU A 196 -13.34 18.01 -33.81
CA LEU A 196 -12.97 18.55 -32.51
C LEU A 196 -14.20 19.24 -31.96
N VAL A 197 -14.55 18.96 -30.70
CA VAL A 197 -15.62 19.67 -30.00
C VAL A 197 -15.12 20.32 -28.72
N ALA A 198 -15.57 21.53 -28.45
CA ALA A 198 -15.14 22.26 -27.27
C ALA A 198 -16.37 22.68 -26.49
N VAL A 199 -16.50 22.18 -25.26
CA VAL A 199 -17.55 22.59 -24.33
C VAL A 199 -17.00 23.63 -23.36
N VAL A 200 -17.68 24.76 -23.22
CA VAL A 200 -17.17 25.87 -22.41
C VAL A 200 -18.31 26.40 -21.54
N GLY A 201 -18.17 26.22 -20.23
CA GLY A 201 -19.20 26.60 -19.26
C GLY A 201 -18.64 27.46 -18.14
N GLY A 202 -19.52 28.09 -17.40
CA GLY A 202 -19.08 28.99 -16.36
C GLY A 202 -20.04 30.11 -16.06
N SER A 203 -19.62 30.95 -15.10
CA SER A 203 -20.49 31.98 -14.57
C SER A 203 -20.59 33.14 -15.56
N LYS A 204 -19.53 33.35 -16.34
CA LYS A 204 -19.32 34.62 -17.03
C LYS A 204 -18.73 34.41 -18.41
N VAL A 205 -19.35 35.07 -19.40
CA VAL A 205 -18.76 35.25 -20.76
C VAL A 205 -17.42 35.96 -20.69
N SER A 206 -17.39 36.98 -19.85
CA SER A 206 -16.28 37.94 -19.77
C SER A 206 -14.98 37.34 -19.29
N THR A 207 -15.03 36.18 -18.65
CA THR A 207 -13.82 35.52 -18.21
C THR A 207 -13.38 34.44 -19.18
N LYS A 208 -14.20 34.16 -20.20
CA LYS A 208 -13.92 33.07 -21.14
C LYS A 208 -14.04 33.42 -22.62
N ILE A 209 -14.19 34.71 -22.92
CA ILE A 209 -14.38 35.18 -24.27
C ILE A 209 -13.14 34.99 -25.12
N HIS A 210 -11.98 35.14 -24.51
CA HIS A 210 -10.74 35.03 -25.27
C HIS A 210 -10.48 33.57 -25.59
N LEU A 211 -10.97 32.68 -24.74
CA LEU A 211 -10.88 31.24 -24.99
C LEU A 211 -11.80 30.82 -26.11
N LEU A 212 -13.01 31.35 -26.11
CA LEU A 212 -13.93 31.12 -27.20
C LEU A 212 -13.35 31.58 -28.54
N GLU A 213 -12.63 32.70 -28.53
CA GLU A 213 -12.10 33.28 -29.77
C GLU A 213 -11.06 32.38 -30.42
N ASN A 214 -10.18 31.84 -29.60
CA ASN A 214 -9.10 30.98 -30.09
C ASN A 214 -9.66 29.64 -30.57
N LEU A 215 -10.59 29.08 -29.81
CA LEU A 215 -11.20 27.79 -30.15
C LEU A 215 -12.08 27.87 -31.41
N LEU A 216 -12.67 29.04 -31.65
CA LEU A 216 -13.50 29.23 -32.81
C LEU A 216 -12.75 28.94 -34.09
N ASP A 217 -11.48 29.32 -34.15
CA ASP A 217 -10.67 29.10 -35.34
C ASP A 217 -10.24 27.66 -35.50
N LYS A 218 -10.64 26.81 -34.56
CA LYS A 218 -10.11 25.46 -34.45
C LYS A 218 -11.15 24.36 -34.42
N VAL A 219 -12.31 24.62 -33.81
CA VAL A 219 -13.31 23.59 -33.54
C VAL A 219 -14.27 23.39 -34.70
N ASP A 220 -15.00 22.28 -34.67
CA ASP A 220 -16.07 22.01 -35.62
C ASP A 220 -17.43 22.28 -34.98
N GLN A 221 -17.57 21.89 -33.71
CA GLN A 221 -18.74 22.21 -32.92
C GLN A 221 -18.24 22.96 -31.68
N LEU A 222 -19.09 23.85 -31.14
CA LEU A 222 -18.79 24.51 -29.86
C LEU A 222 -20.04 24.61 -29.00
N ILE A 223 -19.91 24.32 -27.71
CA ILE A 223 -21.06 24.28 -26.80
C ILE A 223 -20.81 25.16 -25.59
N VAL A 224 -21.68 26.15 -25.41
CA VAL A 224 -21.59 27.02 -24.25
C VAL A 224 -22.61 26.52 -23.21
N GLY A 225 -22.22 26.64 -21.93
CA GLY A 225 -23.08 26.27 -20.80
C GLY A 225 -23.08 27.30 -19.68
N GLY A 226 -24.13 27.26 -18.87
CA GLY A 226 -24.30 28.15 -17.70
C GLY A 226 -24.51 29.61 -18.03
N GLY A 227 -24.01 30.47 -17.14
CA GLY A 227 -24.00 31.92 -17.34
C GLY A 227 -23.71 32.25 -18.79
N ILE A 228 -22.60 31.70 -19.31
CA ILE A 228 -22.23 31.87 -20.72
C ILE A 228 -23.43 31.61 -21.63
N ALA A 229 -24.03 30.43 -21.53
CA ALA A 229 -25.15 30.08 -22.40
C ALA A 229 -26.31 31.03 -22.16
N ASN A 230 -26.58 31.33 -20.90
CA ASN A 230 -27.65 32.27 -20.57
C ASN A 230 -27.42 33.66 -21.23
N THR A 231 -26.17 34.10 -21.26
CA THR A 231 -25.85 35.34 -21.97
C THR A 231 -26.13 35.22 -23.47
N PHE A 232 -25.76 34.09 -24.06
CA PHE A 232 -25.94 33.91 -25.50
C PHE A 232 -27.42 33.84 -25.90
N LEU A 233 -28.18 33.07 -25.14
CA LEU A 233 -29.62 32.98 -25.31
C LEU A 233 -30.30 34.36 -25.24
N LYS A 234 -29.76 35.28 -24.44
CA LYS A 234 -30.35 36.60 -24.29
C LYS A 234 -29.89 37.55 -25.41
N ALA A 235 -28.66 37.37 -25.88
CA ALA A 235 -28.19 38.04 -27.11
C ALA A 235 -29.04 37.68 -28.30
N GLN A 236 -29.55 36.45 -28.33
CA GLN A 236 -30.46 36.00 -29.40
C GLN A 236 -31.90 36.51 -29.26
N GLY A 237 -32.23 37.07 -28.12
CA GLY A 237 -33.53 37.69 -27.93
C GLY A 237 -34.53 36.85 -27.13
N TYR A 238 -34.08 35.75 -26.54
CA TYR A 238 -34.93 34.96 -25.65
C TYR A 238 -35.08 35.71 -24.34
N SER A 239 -36.16 35.39 -23.62
CA SER A 239 -36.40 35.84 -22.25
C SER A 239 -35.88 34.78 -21.27
N ILE A 240 -35.13 35.20 -20.25
CA ILE A 240 -34.61 34.26 -19.27
C ILE A 240 -34.76 34.69 -17.81
N GLY A 241 -35.71 35.59 -17.54
CA GLY A 241 -36.06 35.97 -16.16
C GLY A 241 -34.88 36.52 -15.38
N LYS A 242 -34.63 35.95 -14.21
CA LYS A 242 -33.55 36.39 -13.35
C LYS A 242 -32.30 35.54 -13.51
N SER A 243 -32.23 34.73 -14.57
CA SER A 243 -31.03 33.91 -14.83
C SER A 243 -29.77 34.74 -14.83
N LEU A 244 -28.67 34.12 -14.38
CA LEU A 244 -27.36 34.73 -14.41
C LEU A 244 -26.97 35.06 -15.86
N CYS A 245 -26.58 36.30 -16.08
CA CYS A 245 -26.17 36.78 -17.39
C CYS A 245 -25.35 38.05 -17.24
N GLU A 246 -24.55 38.35 -18.26
CA GLU A 246 -23.77 39.57 -18.28
C GLU A 246 -24.30 40.42 -19.41
N ASN A 247 -25.19 41.35 -19.07
CA ASN A 247 -25.77 42.28 -20.05
C ASN A 247 -24.72 43.04 -20.83
N GLU A 248 -23.62 43.35 -20.18
CA GLU A 248 -22.62 44.19 -20.81
C GLU A 248 -21.85 43.50 -21.92
N TRP A 249 -22.07 42.20 -22.07
CA TRP A 249 -21.38 41.38 -23.07
C TRP A 249 -22.37 40.77 -24.08
N LEU A 250 -23.60 41.28 -24.12
CA LEU A 250 -24.59 40.80 -25.08
C LEU A 250 -24.15 41.09 -26.52
N ASP A 251 -23.64 42.30 -26.76
CA ASP A 251 -23.09 42.63 -28.07
C ASP A 251 -21.91 41.72 -28.44
N ALA A 252 -21.09 41.40 -27.45
CA ALA A 252 -19.94 40.51 -27.68
C ALA A 252 -20.43 39.12 -28.04
N ALA A 253 -21.39 38.63 -27.27
CA ALA A 253 -21.96 37.30 -27.48
C ALA A 253 -22.66 37.21 -28.83
N GLN A 254 -23.32 38.29 -29.23
CA GLN A 254 -24.06 38.33 -30.49
C GLN A 254 -23.11 38.28 -31.65
N GLN A 255 -22.06 39.08 -31.57
CA GLN A 255 -21.06 39.12 -32.62
C GLN A 255 -20.28 37.81 -32.70
N PHE A 256 -20.06 37.17 -31.56
CA PHE A 256 -19.39 35.88 -31.57
C PHE A 256 -20.27 34.82 -32.24
N TRP A 257 -21.57 34.87 -31.97
CA TRP A 257 -22.55 33.98 -32.62
C TRP A 257 -22.44 34.11 -34.13
N GLU A 258 -22.34 35.35 -34.61
CA GLU A 258 -22.28 35.62 -36.04
C GLU A 258 -20.97 35.11 -36.67
N LYS A 259 -19.85 35.39 -36.02
CA LYS A 259 -18.55 34.86 -36.44
C LYS A 259 -18.62 33.36 -36.61
N ALA A 260 -19.30 32.70 -35.68
CA ALA A 260 -19.46 31.26 -35.75
C ALA A 260 -20.24 30.86 -36.99
N ALA A 261 -21.31 31.60 -37.25
CA ALA A 261 -22.15 31.32 -38.41
C ALA A 261 -21.34 31.30 -39.72
N GLU A 262 -20.57 32.34 -39.99
CA GLU A 262 -19.85 32.44 -41.26
C GLU A 262 -18.62 31.54 -41.35
N LYS A 263 -18.15 31.04 -40.22
CA LYS A 263 -17.12 30.01 -40.19
C LYS A 263 -17.74 28.62 -40.28
N ASN A 264 -19.06 28.54 -40.16
CA ASN A 264 -19.78 27.27 -40.17
C ASN A 264 -19.39 26.37 -39.00
N VAL A 265 -19.20 26.99 -37.84
CA VAL A 265 -18.96 26.26 -36.62
C VAL A 265 -20.29 26.10 -35.92
N SER A 266 -20.71 24.86 -35.67
CA SER A 266 -21.99 24.63 -35.03
C SER A 266 -21.93 25.10 -33.58
N LEU A 267 -22.98 25.76 -33.16
CA LEU A 267 -22.98 26.42 -31.88
C LEU A 267 -24.40 26.30 -31.30
N PRO A 268 -24.82 25.07 -30.97
CA PRO A 268 -26.17 24.83 -30.48
C PRO A 268 -26.34 25.38 -29.10
N LEU A 269 -27.34 26.22 -28.92
CA LEU A 269 -27.65 26.77 -27.61
C LEU A 269 -28.69 25.87 -26.94
N PRO A 270 -28.89 26.02 -25.62
CA PRO A 270 -29.94 25.26 -24.93
C PRO A 270 -31.30 25.52 -25.54
N VAL A 271 -32.01 24.45 -25.94
CA VAL A 271 -33.40 24.58 -26.40
C VAL A 271 -34.41 24.30 -25.26
N ASP A 272 -34.02 23.45 -24.32
CA ASP A 272 -34.78 23.25 -23.08
C ASP A 272 -33.89 23.37 -21.84
N VAL A 273 -34.46 23.82 -20.72
CA VAL A 273 -33.72 24.11 -19.48
C VAL A 273 -34.54 23.72 -18.24
N ILE A 274 -33.89 23.59 -17.09
CA ILE A 274 -34.67 23.39 -15.88
C ILE A 274 -34.58 24.61 -14.98
N VAL A 275 -35.76 25.10 -14.60
CA VAL A 275 -35.88 26.36 -13.90
C VAL A 275 -36.54 26.17 -12.55
N ALA A 276 -36.26 27.08 -11.64
CA ALA A 276 -36.87 27.13 -10.33
C ALA A 276 -36.90 28.59 -9.94
N ASP A 277 -37.68 28.93 -8.91
CA ASP A 277 -37.78 30.32 -8.47
C ASP A 277 -36.93 30.60 -7.21
N GLU A 278 -36.12 29.61 -6.81
CA GLU A 278 -35.14 29.77 -5.73
C GLU A 278 -34.14 28.62 -5.87
N LEU A 279 -32.85 28.90 -5.64
CA LEU A 279 -31.82 27.88 -5.83
C LEU A 279 -31.53 27.08 -4.58
N SER A 280 -32.16 25.90 -4.49
CA SER A 280 -32.00 24.99 -3.35
C SER A 280 -32.50 23.57 -3.71
N GLU A 281 -32.07 22.55 -2.95
CA GLU A 281 -32.51 21.16 -3.20
C GLU A 281 -34.02 20.98 -3.00
N ASP A 282 -34.72 22.06 -2.68
CA ASP A 282 -36.02 22.02 -2.02
C ASP A 282 -37.20 22.52 -2.85
N ALA A 283 -36.92 23.45 -3.78
CA ALA A 283 -37.96 24.13 -4.58
C ALA A 283 -38.38 23.33 -5.80
N LYS A 284 -39.52 23.70 -6.40
CA LYS A 284 -39.99 23.07 -7.65
C LYS A 284 -39.04 23.24 -8.83
N ALA A 285 -38.40 22.16 -9.27
CA ALA A 285 -37.63 22.19 -10.52
C ALA A 285 -38.61 21.86 -11.63
N THR A 286 -38.58 22.66 -12.70
CA THR A 286 -39.51 22.51 -13.82
C THR A 286 -38.81 22.53 -15.17
N VAL A 287 -39.03 21.50 -15.96
CA VAL A 287 -38.42 21.40 -17.30
C VAL A 287 -39.29 22.17 -18.29
N LYS A 288 -38.63 23.02 -19.08
CA LYS A 288 -39.30 24.05 -19.86
C LYS A 288 -38.63 24.22 -21.21
N ASN A 289 -39.40 24.68 -22.16
CA ASN A 289 -38.84 25.22 -23.37
C ASN A 289 -38.37 26.64 -23.08
N ILE A 290 -37.21 26.97 -23.63
CA ILE A 290 -36.70 28.32 -23.57
C ILE A 290 -37.79 29.39 -23.79
N ASP A 291 -38.76 29.10 -24.66
CA ASP A 291 -39.96 29.94 -24.85
C ASP A 291 -40.60 30.35 -23.52
N ALA A 292 -40.74 29.37 -22.65
CA ALA A 292 -41.71 29.43 -21.55
C ALA A 292 -41.17 29.98 -20.23
N VAL A 293 -39.92 30.47 -20.22
CA VAL A 293 -39.32 31.02 -19.00
C VAL A 293 -39.98 32.35 -18.61
N THR A 294 -40.65 32.36 -17.45
CA THR A 294 -41.37 33.53 -16.96
C THR A 294 -40.40 34.48 -16.22
N SER A 295 -40.93 35.58 -15.68
CA SER A 295 -40.08 36.71 -15.31
C SER A 295 -39.35 36.58 -13.96
N ASN A 296 -39.71 35.62 -13.13
CA ASN A 296 -38.91 35.40 -11.91
C ASN A 296 -38.57 33.95 -11.68
N GLU A 297 -38.14 33.31 -12.76
CA GLU A 297 -37.47 32.03 -12.73
C GLU A 297 -36.05 32.23 -13.23
N SER A 298 -35.19 31.24 -13.00
CA SER A 298 -33.81 31.30 -13.46
C SER A 298 -33.43 29.94 -14.02
N ILE A 299 -32.55 29.94 -15.01
CA ILE A 299 -32.07 28.69 -15.60
C ILE A 299 -30.89 28.14 -14.80
N PHE A 300 -31.03 26.92 -14.27
CA PHE A 300 -29.97 26.26 -13.51
C PHE A 300 -29.39 25.01 -14.18
N ASP A 301 -29.98 24.57 -15.28
CA ASP A 301 -29.49 23.38 -15.97
C ASP A 301 -30.09 23.32 -17.35
N VAL A 302 -29.46 22.54 -18.22
CA VAL A 302 -30.04 22.19 -19.51
C VAL A 302 -31.11 21.15 -19.30
N GLY A 303 -31.94 20.98 -20.32
CA GLY A 303 -32.98 19.95 -20.32
C GLY A 303 -32.55 18.70 -21.09
N PRO A 304 -33.45 17.71 -21.19
CA PRO A 304 -33.12 16.46 -21.84
C PRO A 304 -32.82 16.60 -23.35
N ASN A 305 -33.60 17.41 -24.06
CA ASN A 305 -33.42 17.65 -25.51
C ASN A 305 -32.05 18.24 -25.79
N THR A 306 -31.68 19.22 -24.99
CA THR A 306 -30.37 19.84 -25.09
C THR A 306 -29.27 18.83 -24.78
N SER A 307 -29.32 18.19 -23.62
CA SER A 307 -28.22 17.29 -23.27
C SER A 307 -28.20 16.00 -24.09
N ALA A 308 -29.17 15.81 -24.99
CA ALA A 308 -29.12 14.75 -25.99
C ALA A 308 -28.39 15.25 -27.24
N THR A 309 -28.64 16.50 -27.61
CA THR A 309 -27.84 17.17 -28.63
C THR A 309 -26.35 17.14 -28.24
N TYR A 310 -26.03 17.51 -27.00
CA TYR A 310 -24.65 17.43 -26.55
C TYR A 310 -24.14 15.98 -26.59
N ALA A 311 -24.97 15.05 -26.14
CA ALA A 311 -24.60 13.64 -26.11
C ALA A 311 -24.25 13.10 -27.50
N LYS A 312 -24.94 13.60 -28.53
CA LYS A 312 -24.65 13.21 -29.92
C LYS A 312 -23.26 13.70 -30.35
N LEU A 313 -22.96 14.97 -30.08
CA LEU A 313 -21.71 15.57 -30.52
C LEU A 313 -20.48 14.94 -29.82
N MET A 314 -20.64 14.56 -28.55
CA MET A 314 -19.58 13.87 -27.83
C MET A 314 -19.34 12.48 -28.41
N ALA A 315 -20.42 11.75 -28.69
CA ALA A 315 -20.33 10.37 -29.22
C ALA A 315 -19.66 10.33 -30.62
N GLN A 316 -19.88 11.38 -31.39
CA GLN A 316 -19.37 11.48 -32.75
C GLN A 316 -17.98 12.10 -32.80
N ALA A 317 -17.52 12.65 -31.66
CA ALA A 317 -16.30 13.44 -31.60
C ALA A 317 -15.07 12.57 -31.71
N GLY A 318 -14.05 13.09 -32.40
CA GLY A 318 -12.71 12.50 -32.41
C GLY A 318 -11.81 13.08 -31.33
N THR A 319 -12.08 14.33 -30.93
CA THR A 319 -11.36 14.99 -29.84
C THR A 319 -12.33 15.87 -29.08
N ILE A 320 -12.11 16.03 -27.77
CA ILE A 320 -12.97 16.87 -26.92
C ILE A 320 -12.16 17.73 -25.93
N VAL A 321 -12.54 18.99 -25.79
CA VAL A 321 -11.90 19.90 -24.83
C VAL A 321 -13.00 20.52 -23.98
N TRP A 322 -12.99 20.28 -22.67
CA TRP A 322 -14.13 20.70 -21.84
C TRP A 322 -13.70 21.42 -20.56
N ASN A 323 -14.16 22.68 -20.43
CA ASN A 323 -13.86 23.55 -19.33
C ASN A 323 -15.11 24.23 -18.84
N GLY A 324 -15.67 23.73 -17.76
CA GLY A 324 -16.81 24.38 -17.10
C GLY A 324 -18.07 23.56 -17.07
N PRO A 325 -18.67 23.40 -15.89
CA PRO A 325 -19.94 22.67 -15.78
C PRO A 325 -21.09 23.48 -16.40
N ILE A 326 -22.06 22.76 -16.97
CA ILE A 326 -23.13 23.37 -17.78
C ILE A 326 -24.45 23.52 -17.01
N GLY A 327 -24.42 23.18 -15.72
CA GLY A 327 -25.48 23.58 -14.80
C GLY A 327 -24.96 23.69 -13.37
N VAL A 328 -25.84 24.08 -12.46
CA VAL A 328 -25.48 24.23 -11.08
C VAL A 328 -25.38 22.84 -10.46
N PHE A 329 -24.37 22.09 -10.90
CA PHE A 329 -24.20 20.69 -10.52
C PHE A 329 -24.08 20.44 -9.02
N GLU A 330 -23.67 21.46 -8.24
CA GLU A 330 -23.42 21.30 -6.80
C GLU A 330 -24.68 20.94 -6.04
N ILE A 331 -25.80 21.55 -6.43
CA ILE A 331 -27.10 21.15 -5.91
C ILE A 331 -27.64 20.07 -6.84
N GLU A 332 -28.38 19.12 -6.28
CA GLU A 332 -28.63 17.80 -6.90
C GLU A 332 -29.70 17.81 -7.98
N ALA A 333 -30.71 18.66 -7.84
CA ALA A 333 -31.75 18.77 -8.86
C ALA A 333 -31.17 19.34 -10.18
N PHE A 334 -30.15 20.17 -10.03
CA PHE A 334 -29.64 20.94 -11.14
C PHE A 334 -28.33 20.35 -11.72
N SER A 335 -28.14 19.03 -11.48
CA SER A 335 -26.91 18.33 -11.82
C SER A 335 -27.03 17.35 -13.00
N GLN A 336 -28.27 17.02 -13.38
CA GLN A 336 -28.50 15.98 -14.39
C GLN A 336 -27.81 16.35 -15.69
N GLY A 337 -27.85 17.63 -16.06
CA GLY A 337 -27.19 18.10 -17.29
C GLY A 337 -25.68 17.86 -17.35
N THR A 338 -25.00 18.16 -16.25
CA THR A 338 -23.54 18.12 -16.20
C THR A 338 -23.05 16.70 -16.06
N ARG A 339 -23.75 15.87 -15.30
CA ARG A 339 -23.45 14.43 -15.27
C ARG A 339 -23.62 13.80 -16.66
N ALA A 340 -24.80 13.98 -17.24
CA ALA A 340 -25.10 13.47 -18.57
C ALA A 340 -23.94 13.76 -19.50
N LEU A 341 -23.49 15.01 -19.48
CA LEU A 341 -22.39 15.44 -20.33
C LEU A 341 -21.13 14.69 -19.94
N ALA A 342 -20.81 14.67 -18.66
CA ALA A 342 -19.59 14.03 -18.19
C ALA A 342 -19.55 12.57 -18.65
N GLN A 343 -20.67 11.88 -18.47
CA GLN A 343 -20.79 10.48 -18.86
C GLN A 343 -20.60 10.30 -20.37
N ALA A 344 -21.13 11.25 -21.17
CA ALA A 344 -20.99 11.19 -22.62
C ALA A 344 -19.52 11.26 -23.06
N VAL A 345 -18.75 12.15 -22.44
CA VAL A 345 -17.32 12.27 -22.73
C VAL A 345 -16.58 11.00 -22.30
N ALA A 346 -16.97 10.44 -21.16
CA ALA A 346 -16.38 9.19 -20.68
C ALA A 346 -16.62 8.04 -21.68
N LYS A 347 -17.88 7.65 -21.87
CA LYS A 347 -18.25 6.58 -22.81
C LYS A 347 -17.64 6.82 -24.19
N SER A 348 -17.52 8.09 -24.57
CA SER A 348 -17.00 8.46 -25.87
C SER A 348 -15.58 8.00 -26.12
N THR A 349 -15.25 7.94 -27.39
CA THR A 349 -14.04 7.34 -27.90
C THR A 349 -13.02 8.41 -28.30
N ALA A 350 -13.45 9.67 -28.24
CA ALA A 350 -12.60 10.80 -28.54
C ALA A 350 -11.56 10.94 -27.45
N TYR A 351 -10.43 11.55 -27.79
CA TYR A 351 -9.40 11.90 -26.83
C TYR A 351 -9.89 13.12 -26.04
N SER A 352 -10.30 12.89 -24.78
CA SER A 352 -10.90 13.96 -23.96
C SER A 352 -9.85 14.69 -23.10
N ILE A 353 -10.00 16.01 -22.99
CA ILE A 353 -9.11 16.86 -22.20
C ILE A 353 -9.94 17.81 -21.39
N VAL A 354 -9.87 17.73 -20.06
CA VAL A 354 -10.65 18.62 -19.18
C VAL A 354 -9.74 19.42 -18.26
N GLY A 355 -10.26 20.53 -17.78
CA GLY A 355 -9.53 21.42 -16.89
C GLY A 355 -10.52 22.39 -16.26
N GLY A 356 -10.08 23.05 -15.18
CA GLY A 356 -10.92 23.98 -14.43
C GLY A 356 -11.18 23.50 -13.02
N GLY A 357 -11.14 24.42 -12.07
CA GLY A 357 -11.40 24.11 -10.66
C GLY A 357 -12.73 23.42 -10.47
N ASP A 358 -13.81 24.06 -10.92
CA ASP A 358 -15.15 23.54 -10.68
C ASP A 358 -15.46 22.28 -11.50
N THR A 359 -14.95 22.21 -12.73
CA THR A 359 -15.13 21.05 -13.61
C THR A 359 -14.51 19.80 -13.01
N LEU A 360 -13.28 19.90 -12.52
CA LEU A 360 -12.69 18.80 -11.77
C LEU A 360 -13.55 18.45 -10.56
N ALA A 361 -14.09 19.45 -9.87
CA ALA A 361 -14.95 19.20 -8.73
C ALA A 361 -16.14 18.32 -9.16
N ALA A 362 -16.74 18.65 -10.30
CA ALA A 362 -17.84 17.83 -10.86
C ALA A 362 -17.38 16.40 -11.14
N LEU A 363 -16.35 16.27 -11.95
CA LEU A 363 -15.76 14.96 -12.28
C LEU A 363 -15.45 14.13 -11.05
N ASP A 364 -15.11 14.80 -9.97
CA ASP A 364 -14.90 14.13 -8.68
C ASP A 364 -16.25 13.67 -8.10
N LYS A 365 -17.26 14.53 -8.12
CA LYS A 365 -18.56 14.22 -7.52
C LYS A 365 -19.25 13.03 -8.16
N PHE A 366 -19.11 12.94 -9.47
CA PHE A 366 -19.72 11.85 -10.24
C PHE A 366 -18.76 10.64 -10.35
N ASN A 367 -17.62 10.72 -9.67
CA ASN A 367 -16.53 9.73 -9.78
C ASN A 367 -16.26 9.27 -11.21
N LEU A 368 -15.96 10.25 -12.07
CA LEU A 368 -15.62 9.99 -13.47
C LEU A 368 -14.21 10.47 -13.87
N THR A 369 -13.44 10.98 -12.90
CA THR A 369 -12.12 11.59 -13.17
C THR A 369 -11.14 10.72 -14.00
N ASP A 370 -10.95 9.47 -13.62
CA ASP A 370 -9.98 8.65 -14.34
C ASP A 370 -10.47 8.17 -15.74
N GLN A 371 -11.69 8.53 -16.13
CA GLN A 371 -12.23 8.15 -17.47
C GLN A 371 -11.97 9.20 -18.55
N MET A 372 -11.53 10.40 -18.16
CA MET A 372 -11.08 11.42 -19.12
C MET A 372 -9.65 11.10 -19.48
N SER A 373 -9.26 11.34 -20.72
CA SER A 373 -7.92 10.96 -21.19
C SER A 373 -6.86 11.80 -20.48
N TYR A 374 -7.17 13.07 -20.21
CA TYR A 374 -6.24 13.95 -19.52
C TYR A 374 -6.97 14.95 -18.64
N VAL A 375 -6.62 14.98 -17.35
CA VAL A 375 -7.16 15.96 -16.44
C VAL A 375 -6.08 16.96 -16.09
N SER A 376 -6.31 18.24 -16.39
CA SER A 376 -5.38 19.30 -16.00
C SER A 376 -5.72 19.83 -14.62
N THR A 377 -4.70 19.92 -13.78
CA THR A 377 -4.84 20.47 -12.43
C THR A 377 -4.23 21.88 -12.37
N ALA A 378 -3.95 22.46 -13.54
CA ALA A 378 -3.20 23.71 -13.66
C ALA A 378 -4.01 24.99 -13.43
N GLY A 379 -5.31 24.98 -13.70
CA GLY A 379 -6.13 26.16 -13.48
C GLY A 379 -5.89 27.27 -14.51
N GLY A 380 -5.08 28.26 -14.14
CA GLY A 380 -4.88 29.45 -14.97
C GLY A 380 -4.01 29.26 -16.20
N ALA A 381 -2.92 28.51 -16.05
CA ALA A 381 -2.03 28.25 -17.16
C ALA A 381 -2.73 27.37 -18.16
N PHE A 382 -3.55 26.44 -17.69
CA PHE A 382 -4.37 25.62 -18.59
C PHE A 382 -5.22 26.53 -19.49
N LEU A 383 -5.92 27.47 -18.86
CA LEU A 383 -6.82 28.40 -19.55
C LEU A 383 -6.08 29.33 -20.50
N GLU A 384 -5.05 30.04 -20.02
CA GLU A 384 -4.27 30.94 -20.90
C GLU A 384 -3.67 30.28 -22.15
N PHE A 385 -3.35 28.98 -22.05
CA PHE A 385 -2.76 28.26 -23.17
C PHE A 385 -3.80 28.04 -24.27
N LEU A 386 -4.99 27.58 -23.86
CA LEU A 386 -6.09 27.41 -24.78
C LEU A 386 -6.59 28.75 -25.37
N GLU A 387 -6.36 29.85 -24.64
CA GLU A 387 -6.59 31.19 -25.17
C GLU A 387 -5.63 31.52 -26.32
N GLY A 388 -4.47 30.85 -26.33
CA GLY A 388 -3.47 30.99 -27.39
C GLY A 388 -2.39 31.99 -27.05
N LYS A 389 -2.23 32.22 -25.75
CA LYS A 389 -1.30 33.21 -25.24
C LYS A 389 0.03 32.55 -24.95
N LEU A 391 2.89 31.79 -23.51
CA LEU A 391 3.25 31.68 -22.09
C LEU A 391 4.76 31.89 -21.93
N PRO A 392 5.16 32.89 -21.10
CA PRO A 392 6.57 33.28 -20.98
C PRO A 392 7.56 32.14 -20.77
N ALA A 393 7.21 31.17 -19.93
CA ALA A 393 8.10 30.05 -19.66
C ALA A 393 8.41 29.29 -20.93
N ILE A 394 7.38 29.04 -21.71
CA ILE A 394 7.47 28.25 -22.95
C ILE A 394 8.22 29.00 -24.05
N LYS A 395 7.96 30.30 -24.15
CA LYS A 395 8.61 31.11 -25.15
C LYS A 395 10.13 30.94 -25.03
N ILE A 396 10.66 31.13 -23.82
CA ILE A 396 12.09 31.10 -23.61
C ILE A 396 12.67 29.70 -23.84
N LEU A 397 11.94 28.66 -23.46
CA LEU A 397 12.44 27.29 -23.66
C LEU A 397 12.68 26.97 -25.13
N THR A 398 11.84 27.51 -26.01
CA THR A 398 12.02 27.36 -27.46
C THR A 398 13.13 28.27 -27.99
N GLN A 399 13.09 29.55 -27.60
CA GLN A 399 14.15 30.50 -27.95
C GLN A 399 15.56 29.93 -27.73
N ARG A 400 15.71 29.13 -26.68
CA ARG A 400 16.98 28.52 -26.34
C ARG A 400 17.25 27.25 -27.15
N ALA A 401 16.19 26.48 -27.44
CA ALA A 401 16.29 25.32 -28.32
C ALA A 401 16.86 25.72 -29.67
N LYS A 402 16.28 26.77 -30.22
CA LYS A 402 16.80 27.41 -31.43
C LYS A 402 18.30 27.63 -31.35
N PRO B 13 35.35 -5.45 9.24
CA PRO B 13 35.50 -6.10 10.54
C PRO B 13 35.16 -7.59 10.53
N PHE B 14 34.06 -7.94 9.87
CA PHE B 14 33.58 -9.33 9.79
C PHE B 14 32.85 -9.61 8.48
N LEU B 15 32.53 -10.88 8.25
CA LEU B 15 31.86 -11.32 7.02
C LEU B 15 30.39 -10.91 6.96
N SER B 16 29.88 -10.75 5.74
CA SER B 16 28.53 -10.29 5.47
C SER B 16 27.77 -11.27 4.57
N MET B 17 26.44 -11.23 4.69
CA MET B 17 25.55 -12.08 3.89
C MET B 17 25.61 -11.71 2.41
N SER B 18 25.83 -10.42 2.14
CA SER B 18 25.94 -9.89 0.78
C SER B 18 27.13 -10.45 0.01
N ASN B 19 28.22 -10.76 0.73
CA ASN B 19 29.46 -11.26 0.12
C ASN B 19 29.55 -12.79 0.03
N LEU B 20 28.50 -13.49 0.48
CA LEU B 20 28.49 -14.95 0.47
C LEU B 20 27.43 -15.49 -0.48
N ASN B 21 27.72 -16.65 -1.05
CA ASN B 21 26.85 -17.29 -2.03
C ASN B 21 25.86 -18.27 -1.36
N LEU B 22 24.56 -17.96 -1.44
CA LEU B 22 23.54 -18.70 -0.68
C LEU B 22 22.73 -19.69 -1.53
N HIS B 23 23.10 -19.84 -2.80
CA HIS B 23 22.39 -20.73 -3.73
C HIS B 23 22.26 -22.14 -3.15
N ASN B 24 21.03 -22.54 -2.86
CA ASN B 24 20.70 -23.92 -2.46
C ASN B 24 21.27 -24.36 -1.11
N LYS B 25 21.76 -23.41 -0.33
CA LYS B 25 22.35 -23.74 0.97
C LYS B 25 21.30 -23.68 2.08
N ARG B 26 21.61 -24.30 3.22
CA ARG B 26 20.80 -24.19 4.42
C ARG B 26 21.30 -22.96 5.17
N VAL B 27 20.42 -21.98 5.34
CA VAL B 27 20.81 -20.71 5.94
C VAL B 27 19.98 -20.46 7.17
N MET B 28 20.68 -20.20 8.28
CA MET B 28 20.07 -20.02 9.59
C MET B 28 20.22 -18.55 9.98
N ILE B 29 19.10 -17.82 9.92
CA ILE B 29 19.10 -16.39 10.20
C ILE B 29 18.52 -16.13 11.59
N ARG B 30 19.35 -15.60 12.49
CA ARG B 30 18.90 -15.18 13.82
C ARG B 30 18.36 -13.76 13.72
N GLU B 31 17.08 -13.62 14.02
CA GLU B 31 16.40 -12.35 13.98
C GLU B 31 15.82 -12.00 15.36
N ASP B 32 15.43 -10.73 15.50
CA ASP B 32 14.73 -10.24 16.67
C ASP B 32 13.29 -10.01 16.19
N LEU B 33 12.48 -11.05 16.36
CA LEU B 33 11.05 -11.03 16.08
C LEU B 33 10.25 -11.00 17.39
N ASN B 34 10.88 -10.50 18.46
CA ASN B 34 10.33 -10.49 19.82
C ASN B 34 9.25 -9.41 19.98
N VAL B 35 8.09 -9.67 19.38
CA VAL B 35 7.02 -8.69 19.29
C VAL B 35 6.12 -8.64 20.53
N PRO B 36 5.57 -7.44 20.85
CA PRO B 36 4.55 -7.33 21.90
C PRO B 36 3.26 -8.09 21.58
N MET B 37 2.57 -8.60 22.61
CA MET B 37 1.36 -9.38 22.41
C MET B 37 0.33 -9.16 23.50
N LYS B 38 -0.94 -9.16 23.11
CA LYS B 38 -2.06 -9.05 24.05
C LYS B 38 -2.96 -10.25 23.88
N ASN B 39 -3.07 -11.07 24.92
CA ASN B 39 -3.96 -12.22 24.92
C ASN B 39 -3.97 -12.90 23.55
N GLY B 40 -2.78 -13.26 23.07
CA GLY B 40 -2.66 -14.08 21.86
C GLY B 40 -2.43 -13.38 20.53
N LYS B 41 -2.58 -12.06 20.48
CA LYS B 41 -2.36 -11.30 19.23
C LYS B 41 -1.21 -10.29 19.31
N ILE B 42 -0.73 -9.87 18.15
CA ILE B 42 0.42 -8.96 18.06
C ILE B 42 -0.08 -7.55 18.08
N THR B 43 0.54 -6.70 18.90
CA THR B 43 0.18 -5.29 18.98
C THR B 43 1.16 -4.37 18.24
N ASN B 44 2.36 -4.86 17.94
CA ASN B 44 3.37 -4.07 17.25
C ASN B 44 4.26 -5.00 16.46
N ASP B 45 4.36 -4.78 15.16
CA ASP B 45 5.07 -5.71 14.27
C ASP B 45 6.28 -5.08 13.58
N GLU B 46 6.70 -3.92 14.09
CA GLU B 46 7.78 -3.16 13.48
C GLU B 46 9.03 -4.02 13.28
N ARG B 47 9.22 -5.01 14.14
CA ARG B 47 10.41 -5.88 14.12
C ARG B 47 10.35 -6.88 12.99
N ILE B 48 9.15 -7.37 12.70
CA ILE B 48 8.96 -8.23 11.55
C ILE B 48 9.20 -7.42 10.28
N VAL B 49 8.54 -6.25 10.18
CA VAL B 49 8.68 -5.35 9.01
C VAL B 49 10.13 -4.96 8.75
N ARG B 50 10.91 -4.82 9.84
CA ARG B 50 12.35 -4.54 9.78
C ARG B 50 13.16 -5.75 9.28
N ALA B 51 12.84 -6.93 9.84
CA ALA B 51 13.56 -8.16 9.52
C ALA B 51 13.24 -8.71 8.12
N LEU B 52 12.13 -8.27 7.53
CA LEU B 52 11.64 -8.90 6.30
C LEU B 52 12.68 -8.96 5.17
N PRO B 53 13.30 -7.83 4.83
CA PRO B 53 14.21 -7.83 3.67
C PRO B 53 15.33 -8.89 3.73
N THR B 54 15.89 -9.12 4.92
CA THR B 54 16.91 -10.15 5.10
C THR B 54 16.37 -11.50 4.65
N ILE B 55 15.11 -11.75 4.99
CA ILE B 55 14.43 -12.99 4.64
C ILE B 55 14.03 -13.00 3.14
N GLN B 56 13.76 -11.83 2.58
CA GLN B 56 13.42 -11.72 1.16
C GLN B 56 14.65 -11.95 0.28
N LYS B 57 15.80 -11.43 0.70
CA LYS B 57 17.05 -11.57 -0.06
C LYS B 57 17.56 -13.02 -0.05
N ALA B 58 17.31 -13.72 1.06
CA ALA B 58 17.71 -15.14 1.17
C ALA B 58 16.89 -16.03 0.22
N ILE B 59 15.58 -15.83 0.26
CA ILE B 59 14.63 -16.52 -0.61
C ILE B 59 14.90 -16.19 -2.10
N GLU B 60 15.17 -14.92 -2.39
CA GLU B 60 15.41 -14.47 -3.76
C GLU B 60 16.68 -15.11 -4.35
N GLN B 61 17.67 -15.36 -3.50
CA GLN B 61 18.86 -16.12 -3.88
C GLN B 61 18.67 -17.64 -3.71
N LYS B 62 17.43 -18.03 -3.39
CA LYS B 62 17.02 -19.43 -3.29
C LYS B 62 17.78 -20.21 -2.22
N ALA B 63 17.91 -19.58 -1.05
CA ALA B 63 18.41 -20.25 0.13
C ALA B 63 17.31 -21.18 0.66
N ARG B 64 17.73 -22.14 1.47
CA ARG B 64 16.80 -22.95 2.25
C ARG B 64 16.81 -22.32 3.64
N VAL B 65 15.77 -21.55 3.94
CA VAL B 65 15.82 -20.60 5.05
C VAL B 65 15.21 -21.10 6.36
N MET B 66 16.02 -21.09 7.41
CA MET B 66 15.57 -21.35 8.77
C MET B 66 15.65 -20.06 9.58
N ILE B 67 14.49 -19.50 9.93
CA ILE B 67 14.40 -18.25 10.67
C ILE B 67 14.39 -18.51 12.16
N LEU B 68 15.34 -17.90 12.87
CA LEU B 68 15.56 -18.18 14.29
C LEU B 68 15.29 -16.94 15.12
N SER B 69 14.56 -17.07 16.23
CA SER B 69 14.25 -15.91 17.06
C SER B 69 13.85 -16.27 18.49
N HIS B 70 13.88 -15.26 19.35
CA HIS B 70 13.43 -15.43 20.72
C HIS B 70 12.04 -14.80 20.84
N LEU B 71 11.37 -15.04 21.97
CA LEU B 71 10.08 -14.39 22.24
C LEU B 71 9.87 -14.47 23.74
N GLY B 72 9.75 -13.30 24.37
CA GLY B 72 9.54 -13.23 25.80
C GLY B 72 10.63 -13.91 26.60
N ARG B 73 10.25 -14.35 27.81
CA ARG B 73 11.12 -15.11 28.68
C ARG B 73 10.36 -16.33 29.21
N PRO B 74 10.41 -17.45 28.44
CA PRO B 74 9.85 -18.72 28.87
C PRO B 74 10.79 -19.46 29.82
N GLU B 75 10.28 -20.52 30.46
CA GLU B 75 11.07 -21.42 31.31
C GLU B 75 11.73 -22.44 30.39
N GLU B 76 13.06 -22.44 30.38
CA GLU B 76 13.79 -23.36 29.50
C GLU B 76 13.36 -24.82 29.74
N GLY B 77 12.85 -25.42 28.65
CA GLY B 77 12.37 -26.78 28.66
C GLY B 77 10.87 -26.89 28.84
N LYS B 78 10.20 -25.77 29.07
CA LYS B 78 8.75 -25.77 29.32
C LYS B 78 7.99 -25.01 28.23
N PHE B 79 7.50 -25.76 27.24
CA PHE B 79 6.72 -25.20 26.16
C PHE B 79 5.39 -24.65 26.66
N GLU B 80 5.13 -23.38 26.34
CA GLU B 80 3.84 -22.74 26.57
C GLU B 80 3.45 -21.94 25.32
N LYS B 81 2.18 -21.98 24.96
CA LYS B 81 1.69 -21.28 23.77
C LYS B 81 1.85 -19.76 23.89
N GLU B 82 1.81 -19.29 25.13
CA GLU B 82 2.06 -17.90 25.48
C GLU B 82 3.37 -17.34 24.91
N PHE B 83 4.37 -18.20 24.74
CA PHE B 83 5.65 -17.81 24.17
C PHE B 83 5.93 -18.58 22.88
N SER B 84 4.88 -18.87 22.14
CA SER B 84 5.03 -19.53 20.85
C SER B 84 5.20 -18.50 19.71
N LEU B 85 6.13 -18.77 18.79
CA LEU B 85 6.27 -17.95 17.60
C LEU B 85 5.20 -18.21 16.54
N ALA B 86 4.07 -18.81 16.94
CA ALA B 86 2.99 -19.14 16.01
C ALA B 86 2.38 -17.89 15.35
N PRO B 87 1.93 -16.89 16.15
CA PRO B 87 1.34 -15.70 15.55
C PRO B 87 2.28 -14.97 14.62
N VAL B 88 3.58 -15.04 14.91
CA VAL B 88 4.59 -14.48 14.01
C VAL B 88 4.57 -15.26 12.71
N ALA B 89 4.54 -16.58 12.82
CA ALA B 89 4.61 -17.48 11.65
C ALA B 89 3.48 -17.25 10.65
N ARG B 90 2.31 -16.90 11.17
CA ARG B 90 1.18 -16.53 10.33
C ARG B 90 1.45 -15.17 9.71
N LEU B 91 1.91 -14.24 10.54
CA LEU B 91 2.16 -12.87 10.10
C LEU B 91 3.34 -12.75 9.12
N LEU B 92 4.27 -13.70 9.15
CA LEU B 92 5.37 -13.80 8.18
C LEU B 92 4.90 -14.29 6.82
N SER B 93 4.08 -15.34 6.82
CA SER B 93 3.55 -15.91 5.59
C SER B 93 2.72 -14.88 4.82
N LYS B 94 1.88 -14.16 5.55
CA LYS B 94 1.07 -13.07 5.01
C LYS B 94 1.95 -12.08 4.24
N LYS B 95 3.15 -11.84 4.75
CA LYS B 95 4.10 -10.93 4.10
C LYS B 95 4.77 -11.53 2.87
N LEU B 96 5.11 -12.82 2.92
CA LEU B 96 5.93 -13.44 1.88
C LEU B 96 5.05 -14.27 0.96
N ASN B 97 3.90 -13.69 0.60
CA ASN B 97 2.79 -14.37 -0.05
C ASN B 97 3.14 -15.67 -0.80
N LYS B 99 2.90 -19.87 2.80
CA LYS B 99 3.00 -20.55 4.07
C LYS B 99 4.45 -20.58 4.57
N VAL B 100 4.70 -19.99 5.74
CA VAL B 100 5.98 -20.11 6.45
C VAL B 100 5.69 -20.83 7.74
N PRO B 101 5.91 -22.15 7.76
CA PRO B 101 5.43 -23.00 8.84
C PRO B 101 6.27 -22.94 10.10
N LEU B 102 5.60 -23.02 11.25
CA LEU B 102 6.25 -23.08 12.55
C LEU B 102 6.82 -24.47 12.79
N ILE B 103 8.14 -24.59 12.82
CA ILE B 103 8.81 -25.89 13.03
C ILE B 103 9.22 -26.06 14.50
N ASN B 104 8.75 -27.14 15.11
CA ASN B 104 8.80 -27.30 16.54
C ASN B 104 9.93 -28.16 17.06
N ASP B 105 10.13 -29.31 16.43
CA ASP B 105 11.21 -30.24 16.80
C ASP B 105 12.44 -30.01 15.91
N TRP B 106 12.82 -28.75 15.74
CA TRP B 106 13.78 -28.37 14.72
C TRP B 106 15.24 -28.81 14.97
N LEU B 107 15.56 -29.16 16.21
CA LEU B 107 16.95 -29.52 16.58
C LEU B 107 17.39 -30.84 15.96
N LYS B 108 16.45 -31.76 15.76
CA LYS B 108 16.76 -33.04 15.15
C LYS B 108 16.85 -32.97 13.62
N GLY B 109 16.58 -31.79 13.05
CA GLY B 109 16.72 -31.55 11.61
C GLY B 109 15.44 -31.10 10.95
N VAL B 110 15.57 -30.44 9.81
CA VAL B 110 14.42 -30.11 8.97
C VAL B 110 14.80 -30.02 7.50
N ALA B 111 14.02 -30.71 6.66
CA ALA B 111 14.08 -30.50 5.23
C ALA B 111 13.48 -29.13 4.96
N VAL B 112 14.09 -28.37 4.06
CA VAL B 112 13.56 -27.09 3.65
C VAL B 112 13.96 -26.92 2.19
N GLU B 113 12.97 -26.70 1.32
CA GLU B 113 13.21 -26.61 -0.12
C GLU B 113 13.88 -25.29 -0.46
N PRO B 114 14.73 -25.26 -1.51
CA PRO B 114 15.30 -23.98 -1.90
C PRO B 114 14.23 -22.94 -2.17
N GLY B 115 14.38 -21.77 -1.58
CA GLY B 115 13.47 -20.66 -1.84
C GLY B 115 12.30 -20.53 -0.90
N GLN B 116 12.01 -21.56 -0.10
CA GLN B 116 11.03 -21.40 0.99
C GLN B 116 11.74 -21.10 2.32
N ALA B 117 10.97 -20.74 3.33
CA ALA B 117 11.50 -20.34 4.63
C ALA B 117 10.64 -20.90 5.75
N ILE B 118 11.30 -21.40 6.80
CA ILE B 118 10.60 -21.92 7.97
C ILE B 118 11.05 -21.14 9.20
N LEU B 119 10.17 -21.04 10.20
CA LEU B 119 10.45 -20.35 11.44
C LEU B 119 10.54 -21.38 12.56
N CYS B 120 11.74 -21.52 13.12
CA CYS B 120 11.95 -22.38 14.28
C CYS B 120 11.22 -21.81 15.49
N GLU B 121 10.76 -22.70 16.36
CA GLU B 121 10.03 -22.28 17.56
C GLU B 121 11.00 -21.58 18.52
N ASN B 122 10.48 -20.59 19.24
CA ASN B 122 11.21 -19.85 20.30
C ASN B 122 12.47 -20.55 20.82
N VAL B 123 13.63 -19.97 20.54
CA VAL B 123 14.92 -20.57 20.90
C VAL B 123 15.15 -20.62 22.39
N ARG B 124 14.42 -19.80 23.14
CA ARG B 124 14.51 -19.77 24.59
C ARG B 124 13.74 -20.89 25.29
N PHE B 125 13.12 -21.78 24.52
CA PHE B 125 12.55 -22.99 25.12
C PHE B 125 13.64 -23.99 25.43
N ASN B 126 14.72 -23.97 24.63
CA ASN B 126 15.76 -25.00 24.71
C ASN B 126 16.54 -24.91 26.03
N LYS B 127 16.50 -26.00 26.81
CA LYS B 127 17.47 -26.23 27.88
C LYS B 127 18.86 -25.84 27.37
N GLY B 128 19.41 -24.74 27.89
CA GLY B 128 20.79 -24.34 27.62
C GLY B 128 21.03 -23.05 26.84
N GLU B 129 19.97 -22.44 26.33
CA GLU B 129 20.12 -21.21 25.55
C GLU B 129 20.79 -20.12 26.36
N ASN B 130 20.23 -19.84 27.52
CA ASN B 130 20.75 -18.77 28.37
C ASN B 130 22.19 -18.96 28.89
N GLU B 131 22.66 -20.19 29.03
CA GLU B 131 24.03 -20.45 29.47
C GLU B 131 25.04 -20.54 28.31
N ASN B 132 24.57 -20.40 27.08
CA ASN B 132 25.41 -20.61 25.90
C ASN B 132 26.12 -21.96 25.98
N ASN B 133 25.32 -22.99 26.28
CA ASN B 133 25.77 -24.36 26.39
C ASN B 133 26.45 -24.85 25.11
N THR B 134 27.64 -25.44 25.26
CA THR B 134 28.42 -25.89 24.11
C THR B 134 27.66 -26.91 23.28
N GLU B 135 27.23 -27.98 23.93
CA GLU B 135 26.57 -29.09 23.25
C GLU B 135 25.37 -28.59 22.42
N LEU B 136 24.51 -27.78 23.04
CA LEU B 136 23.38 -27.16 22.36
C LEU B 136 23.84 -26.39 21.13
N ALA B 137 24.94 -25.65 21.27
CA ALA B 137 25.45 -24.79 20.19
C ALA B 137 25.97 -25.60 19.01
N LYS B 138 26.77 -26.61 19.30
CA LYS B 138 27.27 -27.51 18.26
C LYS B 138 26.12 -28.12 17.46
N ARG B 139 25.01 -28.43 18.15
CA ARG B 139 23.86 -29.06 17.51
C ARG B 139 23.17 -28.09 16.56
N MET B 140 23.03 -26.84 16.99
CA MET B 140 22.52 -25.78 16.13
C MET B 140 23.43 -25.58 14.90
N ALA B 141 24.74 -25.72 15.10
CA ALA B 141 25.72 -25.56 14.03
C ALA B 141 25.66 -26.70 13.03
N GLU B 142 25.30 -27.87 13.54
CA GLU B 142 25.07 -29.06 12.73
C GLU B 142 23.97 -28.82 11.68
N LEU B 143 22.92 -28.13 12.08
CA LEU B 143 21.72 -27.94 11.25
C LEU B 143 21.84 -26.97 10.06
N CYS B 144 23.00 -26.32 9.88
CA CYS B 144 23.13 -25.34 8.80
C CYS B 144 24.52 -25.28 8.15
N ASP B 145 24.54 -24.83 6.90
CA ASP B 145 25.77 -24.55 6.19
C ASP B 145 26.30 -23.18 6.61
N ILE B 146 25.40 -22.19 6.63
CA ILE B 146 25.75 -20.82 6.97
C ILE B 146 24.87 -20.28 8.08
N PHE B 147 25.48 -19.56 9.02
CA PHE B 147 24.74 -18.84 10.07
C PHE B 147 24.84 -17.33 9.83
N VAL B 148 23.70 -16.66 9.91
CA VAL B 148 23.65 -15.22 9.75
C VAL B 148 23.10 -14.55 11.04
N MET B 149 23.99 -13.93 11.82
CA MET B 149 23.59 -13.13 12.96
C MET B 149 23.08 -11.78 12.50
N ASP B 150 21.77 -11.65 12.46
CA ASP B 150 21.11 -10.43 12.00
C ASP B 150 20.30 -9.83 13.17
N ALA B 151 20.80 -9.95 14.40
CA ALA B 151 20.05 -9.58 15.62
C ALA B 151 20.84 -8.73 16.63
N PHE B 152 21.20 -7.49 16.24
CA PHE B 152 21.98 -6.58 17.11
C PHE B 152 21.36 -6.35 18.51
N ALA B 153 20.02 -6.26 18.61
CA ALA B 153 19.37 -6.09 19.89
C ALA B 153 19.68 -7.23 20.88
N THR B 154 20.22 -8.33 20.38
CA THR B 154 20.53 -9.51 21.18
C THR B 154 22.04 -9.75 21.37
N ALA B 155 22.84 -9.11 20.53
CA ALA B 155 24.30 -9.34 20.44
C ALA B 155 25.10 -9.10 21.72
N HIS B 156 24.52 -8.38 22.66
CA HIS B 156 25.25 -7.97 23.85
C HIS B 156 25.29 -9.03 24.95
N ARG B 157 24.62 -10.16 24.71
CA ARG B 157 24.62 -11.30 25.63
C ARG B 157 25.00 -12.59 24.94
N ALA B 158 25.68 -13.46 25.68
CA ALA B 158 26.22 -14.70 25.15
C ALA B 158 25.20 -15.81 25.37
N GLN B 159 24.60 -16.25 24.28
CA GLN B 159 23.60 -17.28 24.30
C GLN B 159 23.77 -18.16 23.08
N ALA B 160 23.46 -19.45 23.22
CA ALA B 160 23.68 -20.45 22.17
C ALA B 160 23.28 -19.95 20.79
N SER B 161 22.14 -19.27 20.73
CA SER B 161 21.56 -18.77 19.48
C SER B 161 22.17 -17.43 18.96
N THR B 162 22.94 -16.76 19.80
CA THR B 162 23.56 -15.47 19.45
C THR B 162 25.08 -15.51 19.41
N ALA B 163 25.68 -16.51 20.06
CA ALA B 163 27.13 -16.56 20.25
C ALA B 163 27.67 -17.97 20.00
N GLY B 164 27.16 -18.94 20.75
CA GLY B 164 27.66 -20.31 20.67
C GLY B 164 27.60 -20.87 19.27
N VAL B 165 26.42 -20.75 18.65
CA VAL B 165 26.21 -21.32 17.31
C VAL B 165 27.22 -20.76 16.31
N ALA B 166 27.45 -19.46 16.37
CA ALA B 166 28.40 -18.80 15.47
C ALA B 166 29.83 -19.27 15.73
N ALA B 167 30.13 -19.66 16.97
CA ALA B 167 31.47 -20.16 17.29
C ALA B 167 31.78 -21.45 16.53
N TYR B 168 30.77 -22.30 16.32
CA TYR B 168 30.96 -23.63 15.71
C TYR B 168 30.26 -23.86 14.37
N ALA B 169 29.76 -22.82 13.73
CA ALA B 169 29.09 -22.96 12.43
C ALA B 169 30.10 -22.94 11.26
N LYS B 170 29.90 -23.84 10.30
CA LYS B 170 30.76 -23.93 9.11
C LYS B 170 31.16 -22.54 8.57
N LEU B 171 30.16 -21.69 8.41
CA LEU B 171 30.33 -20.36 7.85
C LEU B 171 29.44 -19.39 8.64
N ALA B 172 30.04 -18.36 9.22
CA ALA B 172 29.29 -17.40 10.07
C ALA B 172 29.48 -15.95 9.62
N CYS B 173 28.41 -15.17 9.62
CA CYS B 173 28.43 -13.81 9.13
C CYS B 173 27.33 -12.97 9.76
N ALA B 174 27.32 -11.68 9.43
CA ALA B 174 26.28 -10.76 9.88
C ALA B 174 25.29 -10.43 8.75
N GLY B 175 24.03 -10.25 9.10
CA GLY B 175 23.02 -9.84 8.14
C GLY B 175 23.02 -8.33 7.96
N PRO B 176 22.21 -7.83 7.01
CA PRO B 176 22.19 -6.39 6.69
C PRO B 176 21.66 -5.47 7.80
N LEU B 177 20.80 -5.96 8.69
CA LEU B 177 20.31 -5.11 9.79
C LEU B 177 21.43 -4.80 10.78
N LEU B 178 22.15 -5.84 11.20
CA LEU B 178 23.31 -5.71 12.09
C LEU B 178 24.50 -4.90 11.51
N ILE B 179 24.99 -5.26 10.32
CA ILE B 179 26.03 -4.47 9.62
C ILE B 179 25.69 -2.97 9.63
N SER B 180 24.43 -2.64 9.37
CA SER B 180 23.97 -1.25 9.37
C SER B 180 24.19 -0.65 10.75
N GLU B 181 23.74 -1.36 11.76
CA GLU B 181 23.89 -0.90 13.12
C GLU B 181 25.36 -0.67 13.48
N VAL B 182 26.22 -1.64 13.20
CA VAL B 182 27.63 -1.46 13.53
C VAL B 182 28.21 -0.30 12.75
N GLU B 183 27.92 -0.24 11.45
CA GLU B 183 28.43 0.84 10.59
C GLU B 183 28.12 2.22 11.18
N ALA B 184 26.86 2.43 11.54
CA ALA B 184 26.40 3.71 12.04
C ALA B 184 27.05 4.04 13.37
N LEU B 185 26.95 3.14 14.34
CA LEU B 185 27.51 3.40 15.67
C LEU B 185 29.00 3.67 15.56
N SER B 186 29.73 2.75 14.96
CA SER B 186 31.19 2.86 14.90
C SER B 186 31.69 3.97 13.95
N ARG B 187 30.93 4.24 12.89
CA ARG B 187 31.22 5.40 12.03
C ARG B 187 31.40 6.66 12.86
N ALA B 188 30.48 6.88 13.82
CA ALA B 188 30.54 8.03 14.71
C ALA B 188 31.28 7.76 16.01
N LEU B 189 32.24 6.83 16.00
CA LEU B 189 33.04 6.53 17.20
C LEU B 189 34.49 6.09 16.95
N GLU B 190 34.92 5.97 15.70
CA GLU B 190 36.32 5.56 15.42
C GLU B 190 36.99 6.39 14.32
N ASN B 191 36.18 7.09 13.53
CA ASN B 191 36.66 8.25 12.79
C ASN B 191 35.48 9.16 12.50
N PRO B 192 35.01 9.86 13.54
CA PRO B 192 33.89 10.78 13.39
C PRO B 192 34.30 12.00 12.59
N GLN B 193 33.35 12.57 11.83
CA GLN B 193 33.59 13.84 11.20
C GLN B 193 33.54 14.87 12.33
N LYS B 194 34.68 15.48 12.65
CA LYS B 194 34.77 16.39 13.80
C LYS B 194 34.11 17.75 13.51
N PRO B 195 33.71 18.48 14.57
CA PRO B 195 33.62 18.05 15.98
C PRO B 195 32.55 16.98 16.24
N LEU B 196 32.88 16.01 17.08
CA LEU B 196 31.92 15.04 17.58
C LEU B 196 31.32 15.61 18.85
N VAL B 197 29.99 15.57 18.96
CA VAL B 197 29.30 15.95 20.19
C VAL B 197 28.44 14.81 20.67
N ALA B 198 28.39 14.62 21.99
CA ALA B 198 27.59 13.57 22.61
C ALA B 198 26.69 14.21 23.66
N VAL B 199 25.38 14.06 23.49
CA VAL B 199 24.41 14.50 24.48
C VAL B 199 23.94 13.28 25.26
N VAL B 200 23.96 13.37 26.59
CA VAL B 200 23.66 12.23 27.44
C VAL B 200 22.76 12.65 28.59
N GLY B 201 21.51 12.20 28.56
CA GLY B 201 20.47 12.61 29.50
C GLY B 201 19.81 11.39 30.13
N GLY B 202 19.10 11.62 31.22
CA GLY B 202 18.50 10.51 31.93
C GLY B 202 18.31 10.75 33.41
N SER B 203 17.77 9.75 34.07
CA SER B 203 17.36 9.92 35.46
C SER B 203 18.55 9.85 36.40
N LYS B 204 19.61 9.17 35.96
CA LYS B 204 20.68 8.71 36.85
C LYS B 204 22.06 8.75 36.18
N VAL B 205 23.03 9.36 36.87
CA VAL B 205 24.45 9.25 36.54
C VAL B 205 24.91 7.80 36.54
N SER B 206 24.43 7.07 37.55
CA SER B 206 24.89 5.72 37.89
C SER B 206 24.59 4.67 36.83
N THR B 207 23.63 4.94 35.95
CA THR B 207 23.33 4.03 34.87
C THR B 207 24.03 4.44 33.59
N LYS B 208 24.70 5.59 33.58
CA LYS B 208 25.32 6.10 32.33
C LYS B 208 26.79 6.54 32.45
N ILE B 209 27.38 6.29 33.60
CA ILE B 209 28.74 6.73 33.90
C ILE B 209 29.76 6.05 33.02
N HIS B 210 29.52 4.79 32.69
CA HIS B 210 30.49 4.02 31.93
C HIS B 210 30.44 4.52 30.48
N LEU B 211 29.26 5.00 30.05
CA LEU B 211 29.10 5.57 28.73
C LEU B 211 29.85 6.89 28.65
N LEU B 212 29.69 7.71 29.68
CA LEU B 212 30.40 8.98 29.75
C LEU B 212 31.91 8.77 29.66
N GLU B 213 32.41 7.70 30.30
CA GLU B 213 33.85 7.43 30.36
C GLU B 213 34.45 7.09 29.01
N ASN B 214 33.71 6.31 28.23
CA ASN B 214 34.15 5.92 26.90
C ASN B 214 34.08 7.09 25.93
N LEU B 215 33.00 7.87 26.00
CA LEU B 215 32.82 9.01 25.09
C LEU B 215 33.78 10.15 25.41
N LEU B 216 34.21 10.25 26.66
CA LEU B 216 35.16 11.30 27.05
C LEU B 216 36.45 11.20 26.27
N ASP B 217 36.90 9.98 26.02
CA ASP B 217 38.14 9.81 25.25
C ASP B 217 37.96 10.11 23.78
N LYS B 218 36.73 10.42 23.38
CA LYS B 218 36.37 10.47 21.97
C LYS B 218 35.78 11.80 21.50
N VAL B 219 35.00 12.48 22.34
CA VAL B 219 34.23 13.64 21.92
C VAL B 219 35.01 14.93 22.05
N ASP B 220 34.48 15.99 21.43
CA ASP B 220 35.04 17.33 21.58
C ASP B 220 34.22 18.17 22.54
N GLN B 221 32.91 18.03 22.44
CA GLN B 221 31.98 18.61 23.41
C GLN B 221 31.20 17.46 24.03
N LEU B 222 30.77 17.62 25.28
CA LEU B 222 29.82 16.67 25.92
C LEU B 222 28.75 17.43 26.71
N ILE B 223 27.49 17.01 26.57
CA ILE B 223 26.36 17.66 27.21
C ILE B 223 25.57 16.69 28.06
N VAL B 224 25.49 16.94 29.36
CA VAL B 224 24.65 16.13 30.23
C VAL B 224 23.32 16.83 30.45
N GLY B 225 22.25 16.03 30.54
CA GLY B 225 20.90 16.52 30.81
C GLY B 225 20.16 15.74 31.89
N GLY B 226 19.11 16.36 32.45
CA GLY B 226 18.26 15.74 33.44
C GLY B 226 18.95 15.44 34.76
N GLY B 227 18.50 14.35 35.39
CA GLY B 227 19.09 13.84 36.62
C GLY B 227 20.59 13.98 36.57
N ILE B 228 21.18 13.43 35.50
CA ILE B 228 22.63 13.53 35.26
C ILE B 228 23.13 14.96 35.45
N ALA B 229 22.57 15.91 34.72
CA ALA B 229 23.01 17.30 34.83
C ALA B 229 22.79 17.82 36.26
N ASN B 230 21.62 17.52 36.82
CA ASN B 230 21.34 17.94 38.21
C ASN B 230 22.41 17.41 39.17
N THR B 231 22.88 16.18 38.97
CA THR B 231 23.95 15.64 39.81
C THR B 231 25.25 16.42 39.62
N PHE B 232 25.56 16.78 38.37
CA PHE B 232 26.79 17.49 38.08
C PHE B 232 26.79 18.91 38.65
N LEU B 233 25.66 19.60 38.46
CA LEU B 233 25.45 20.91 39.05
C LEU B 233 25.64 20.92 40.59
N LYS B 234 25.28 19.81 41.25
CA LYS B 234 25.38 19.75 42.69
C LYS B 234 26.82 19.39 43.11
N ALA B 235 27.48 18.56 42.30
CA ALA B 235 28.91 18.28 42.48
C ALA B 235 29.75 19.56 42.36
N GLN B 236 29.29 20.50 41.56
CA GLN B 236 29.94 21.81 41.44
C GLN B 236 29.60 22.78 42.57
N GLY B 237 28.61 22.43 43.38
CA GLY B 237 28.30 23.22 44.56
C GLY B 237 27.10 24.14 44.43
N TYR B 238 26.34 24.01 43.33
CA TYR B 238 25.08 24.75 43.19
C TYR B 238 24.02 24.14 44.08
N SER B 239 23.03 24.95 44.44
CA SER B 239 21.83 24.48 45.17
C SER B 239 20.71 24.18 44.20
N ILE B 240 20.11 23.01 44.31
CA ILE B 240 19.04 22.60 43.38
C ILE B 240 17.75 22.08 44.05
N GLY B 241 17.53 22.43 45.31
CA GLY B 241 16.29 22.08 46.00
C GLY B 241 16.01 20.58 46.02
N LYS B 242 14.80 20.21 45.62
CA LYS B 242 14.38 18.83 45.63
C LYS B 242 14.53 18.20 44.25
N SER B 243 15.31 18.81 43.37
CA SER B 243 15.62 18.20 42.06
C SER B 243 16.17 16.78 42.18
N LEU B 244 15.84 15.95 41.19
CA LEU B 244 16.37 14.59 41.10
C LEU B 244 17.88 14.63 41.01
N CYS B 245 18.54 13.89 41.90
CA CYS B 245 19.98 13.79 41.90
C CYS B 245 20.39 12.50 42.62
N GLU B 246 21.60 12.07 42.35
CA GLU B 246 22.18 10.94 43.06
C GLU B 246 23.35 11.47 43.88
N ASN B 247 23.11 11.70 45.17
CA ASN B 247 24.16 12.13 46.11
C ASN B 247 25.37 11.18 46.18
N GLU B 248 25.12 9.90 46.05
CA GLU B 248 26.19 8.91 46.19
C GLU B 248 27.19 8.93 45.03
N TRP B 249 26.88 9.69 43.98
CA TRP B 249 27.72 9.80 42.79
C TRP B 249 28.25 11.21 42.58
N LEU B 250 28.15 12.05 43.61
CA LEU B 250 28.67 13.43 43.54
C LEU B 250 30.19 13.45 43.39
N ASP B 251 30.89 12.60 44.14
CA ASP B 251 32.33 12.45 43.94
C ASP B 251 32.65 11.98 42.54
N ALA B 252 31.87 11.04 42.03
CA ALA B 252 32.10 10.49 40.69
C ALA B 252 31.94 11.59 39.66
N ALA B 253 30.83 12.33 39.78
CA ALA B 253 30.51 13.40 38.85
C ALA B 253 31.57 14.52 38.91
N GLN B 254 32.09 14.79 40.11
CA GLN B 254 33.09 15.83 40.30
C GLN B 254 34.41 15.42 39.66
N GLN B 255 34.82 14.18 39.86
CA GLN B 255 36.04 13.67 39.26
C GLN B 255 35.92 13.56 37.74
N PHE B 256 34.72 13.25 37.24
CA PHE B 256 34.53 13.20 35.81
C PHE B 256 34.63 14.60 35.23
N TRP B 257 34.08 15.59 35.94
CA TRP B 257 34.20 16.99 35.51
C TRP B 257 35.67 17.38 35.35
N GLU B 258 36.50 16.94 36.29
CA GLU B 258 37.91 17.27 36.28
C GLU B 258 38.66 16.58 35.13
N LYS B 259 38.39 15.29 34.93
CA LYS B 259 38.95 14.55 33.79
C LYS B 259 38.68 15.28 32.48
N ALA B 260 37.45 15.78 32.34
CA ALA B 260 37.08 16.53 31.15
C ALA B 260 37.95 17.77 31.01
N ALA B 261 38.12 18.48 32.12
CA ALA B 261 38.89 19.70 32.13
C ALA B 261 40.28 19.47 31.52
N GLU B 262 41.03 18.50 32.04
CA GLU B 262 42.41 18.28 31.58
C GLU B 262 42.51 17.65 30.20
N LYS B 263 41.44 17.05 29.71
CA LYS B 263 41.37 16.57 28.34
C LYS B 263 40.93 17.68 27.40
N ASN B 264 40.47 18.79 27.97
CA ASN B 264 39.93 19.93 27.21
C ASN B 264 38.66 19.57 26.43
N VAL B 265 37.84 18.74 27.05
CA VAL B 265 36.54 18.43 26.50
C VAL B 265 35.54 19.41 27.11
N SER B 266 34.86 20.16 26.26
CA SER B 266 33.90 21.12 26.76
C SER B 266 32.72 20.40 27.32
N LEU B 267 32.26 20.86 28.48
CA LEU B 267 31.24 20.18 29.24
C LEU B 267 30.34 21.23 29.88
N PRO B 268 29.57 21.94 29.05
CA PRO B 268 28.71 23.00 29.55
C PRO B 268 27.55 22.43 30.34
N LEU B 269 27.39 22.92 31.56
CA LEU B 269 26.26 22.54 32.38
C LEU B 269 25.13 23.57 32.19
N PRO B 270 23.91 23.20 32.58
CA PRO B 270 22.81 24.17 32.53
C PRO B 270 23.12 25.46 33.29
N VAL B 271 23.02 26.62 32.64
CA VAL B 271 23.16 27.90 33.35
C VAL B 271 21.78 28.46 33.74
N ASP B 272 20.76 28.15 32.95
CA ASP B 272 19.36 28.46 33.31
C ASP B 272 18.45 27.22 33.21
N VAL B 273 17.42 27.17 34.05
CA VAL B 273 16.55 26.00 34.15
C VAL B 273 15.10 26.44 34.38
N ILE B 274 14.13 25.55 34.11
CA ILE B 274 12.75 25.86 34.48
C ILE B 274 12.33 25.01 35.66
N VAL B 275 11.80 25.67 36.68
CA VAL B 275 11.49 25.01 37.93
C VAL B 275 10.03 25.19 38.27
N ALA B 276 9.52 24.26 39.06
CA ALA B 276 8.17 24.33 39.59
C ALA B 276 8.20 23.64 40.94
N ASP B 277 7.15 23.80 41.74
CA ASP B 277 7.12 23.18 43.06
C ASP B 277 6.24 21.91 43.08
N GLU B 278 5.78 21.50 41.91
CA GLU B 278 5.05 20.24 41.75
C GLU B 278 5.07 19.89 40.27
N LEU B 279 5.23 18.62 39.93
CA LEU B 279 5.36 18.19 38.54
C LEU B 279 4.02 17.85 37.89
N SER B 280 3.46 18.84 37.18
CA SER B 280 2.18 18.70 36.47
C SER B 280 1.98 19.82 35.44
N GLU B 281 1.12 19.59 34.45
CA GLU B 281 0.84 20.60 33.42
C GLU B 281 0.23 21.89 33.99
N ASP B 282 0.10 21.95 35.32
CA ASP B 282 -0.84 22.84 35.99
C ASP B 282 -0.19 23.92 36.87
N ALA B 283 1.00 23.63 37.42
CA ALA B 283 1.69 24.51 38.37
C ALA B 283 2.52 25.58 37.68
N LYS B 284 2.87 26.64 38.42
CA LYS B 284 3.76 27.72 37.93
C LYS B 284 5.13 27.23 37.47
N ALA B 285 5.38 27.27 36.17
CA ALA B 285 6.71 27.02 35.66
C ALA B 285 7.43 28.37 35.68
N THR B 286 8.66 28.39 36.19
CA THR B 286 9.44 29.62 36.32
C THR B 286 10.87 29.46 35.78
N VAL B 287 11.27 30.35 34.87
CA VAL B 287 12.61 30.32 34.31
C VAL B 287 13.53 31.07 35.26
N LYS B 288 14.68 30.46 35.56
CA LYS B 288 15.55 30.88 36.64
C LYS B 288 17.00 30.68 36.30
N ASN B 289 17.84 31.50 36.92
CA ASN B 289 19.24 31.22 36.95
C ASN B 289 19.49 30.14 38.00
N ILE B 290 20.37 29.22 37.65
CA ILE B 290 20.83 28.22 38.58
C ILE B 290 21.06 28.81 40.01
N ASP B 291 21.55 30.06 40.09
CA ASP B 291 21.69 30.79 41.36
C ASP B 291 20.43 30.72 42.21
N ALA B 292 19.29 30.94 41.55
CA ALA B 292 18.07 31.34 42.20
C ALA B 292 17.12 30.19 42.60
N VAL B 293 17.55 28.93 42.47
CA VAL B 293 16.72 27.79 42.84
C VAL B 293 16.58 27.69 44.38
N THR B 294 15.35 27.83 44.86
CA THR B 294 15.07 27.82 46.28
C THR B 294 14.85 26.39 46.78
N SER B 295 14.58 26.21 48.07
CA SER B 295 14.74 24.91 48.70
C SER B 295 13.63 23.87 48.42
N ASN B 296 12.49 24.27 47.88
CA ASN B 296 11.51 23.27 47.51
C ASN B 296 10.96 23.48 46.13
N GLU B 297 11.86 23.77 45.20
CA GLU B 297 11.62 23.70 43.78
C GLU B 297 12.45 22.56 43.22
N SER B 298 12.18 22.15 41.98
CA SER B 298 12.96 21.11 41.33
C SER B 298 13.18 21.56 39.90
N ILE B 299 14.32 21.15 39.32
CA ILE B 299 14.63 21.44 37.92
C ILE B 299 14.01 20.38 37.02
N PHE B 300 13.13 20.80 36.11
CA PHE B 300 12.48 19.91 35.14
C PHE B 300 12.87 20.14 33.69
N ASP B 301 13.63 21.19 33.41
CA ASP B 301 14.07 21.49 32.04
C ASP B 301 15.19 22.51 32.05
N VAL B 302 15.91 22.58 30.95
CA VAL B 302 16.87 23.64 30.74
C VAL B 302 16.12 24.91 30.37
N GLY B 303 16.82 26.04 30.45
CA GLY B 303 16.29 27.34 30.04
C GLY B 303 16.74 27.73 28.63
N PRO B 304 16.34 28.93 28.19
CA PRO B 304 16.66 29.38 26.82
C PRO B 304 18.16 29.62 26.58
N ASN B 305 18.87 30.18 27.57
CA ASN B 305 20.32 30.40 27.47
C ASN B 305 21.09 29.09 27.30
N THR B 306 20.72 28.09 28.09
CA THR B 306 21.30 26.77 28.01
C THR B 306 20.97 26.13 26.68
N SER B 307 19.70 26.05 26.31
CA SER B 307 19.37 25.35 25.04
C SER B 307 19.78 26.12 23.76
N ALA B 308 20.31 27.34 23.91
CA ALA B 308 20.96 28.04 22.81
C ALA B 308 22.43 27.63 22.73
N THR B 309 23.08 27.49 23.88
CA THR B 309 24.42 26.90 23.95
C THR B 309 24.41 25.52 23.27
N TYR B 310 23.45 24.67 23.65
CA TYR B 310 23.33 23.38 23.00
C TYR B 310 23.10 23.56 21.51
N ALA B 311 22.18 24.47 21.15
CA ALA B 311 21.82 24.71 19.76
C ALA B 311 23.04 25.12 18.90
N LYS B 312 23.99 25.84 19.49
CA LYS B 312 25.24 26.22 18.81
C LYS B 312 26.12 24.99 18.54
N LEU B 313 26.29 24.13 19.55
CA LEU B 313 27.16 22.97 19.42
C LEU B 313 26.61 21.95 18.40
N MET B 314 25.28 21.81 18.32
CA MET B 314 24.66 20.93 17.31
C MET B 314 24.84 21.48 15.89
N ALA B 315 24.64 22.79 15.73
CA ALA B 315 24.78 23.45 14.42
C ALA B 315 26.22 23.39 13.86
N GLN B 316 27.20 23.41 14.76
CA GLN B 316 28.61 23.41 14.40
C GLN B 316 29.17 22.00 14.26
N ALA B 317 28.39 21.01 14.70
CA ALA B 317 28.85 19.64 14.83
C ALA B 317 28.96 18.94 13.50
N GLY B 318 29.99 18.11 13.37
CA GLY B 318 30.16 17.22 12.22
C GLY B 318 29.55 15.84 12.46
N THR B 319 29.46 15.44 13.73
CA THR B 319 28.82 14.19 14.11
C THR B 319 28.11 14.42 15.44
N ILE B 320 27.00 13.72 15.68
CA ILE B 320 26.26 13.84 16.94
C ILE B 320 25.80 12.46 17.45
N VAL B 321 25.94 12.21 18.75
CA VAL B 321 25.45 10.97 19.39
C VAL B 321 24.58 11.33 20.59
N TRP B 322 23.29 10.97 20.58
CA TRP B 322 22.35 11.47 21.58
C TRP B 322 21.48 10.39 22.21
N ASN B 323 21.61 10.26 23.52
CA ASN B 323 20.92 9.28 24.30
C ASN B 323 20.38 9.90 25.57
N GLY B 324 19.08 10.22 25.57
CA GLY B 324 18.40 10.68 26.77
C GLY B 324 17.84 12.08 26.64
N PRO B 325 16.55 12.25 26.95
CA PRO B 325 15.95 13.59 26.92
C PRO B 325 16.49 14.45 28.06
N ILE B 326 16.57 15.76 27.83
CA ILE B 326 17.23 16.70 28.75
C ILE B 326 16.25 17.50 29.62
N GLY B 327 14.97 17.17 29.51
CA GLY B 327 13.97 17.60 30.48
C GLY B 327 12.81 16.64 30.55
N VAL B 328 11.88 16.90 31.46
CA VAL B 328 10.71 16.05 31.60
C VAL B 328 9.78 16.34 30.44
N PHE B 329 10.20 15.92 29.25
CA PHE B 329 9.47 16.21 28.00
C PHE B 329 8.02 15.72 27.96
N GLU B 330 7.70 14.69 28.74
CA GLU B 330 6.38 14.05 28.71
C GLU B 330 5.28 15.03 29.10
N ILE B 331 5.53 15.84 30.12
CA ILE B 331 4.63 16.93 30.46
C ILE B 331 5.05 18.14 29.62
N GLU B 332 4.08 18.96 29.24
CA GLU B 332 4.24 19.92 28.14
C GLU B 332 5.00 21.20 28.49
N ALA B 333 4.88 21.66 29.72
CA ALA B 333 5.61 22.86 30.15
C ALA B 333 7.10 22.59 30.20
N PHE B 334 7.45 21.34 30.45
CA PHE B 334 8.83 20.98 30.69
C PHE B 334 9.47 20.27 29.49
N SER B 335 8.96 20.58 28.31
CA SER B 335 9.35 19.92 27.05
C SER B 335 10.13 20.82 26.08
N GLN B 336 10.10 22.14 26.30
CA GLN B 336 10.70 23.09 25.34
C GLN B 336 12.18 22.79 25.14
N GLY B 337 12.88 22.46 26.22
CA GLY B 337 14.31 22.12 26.14
C GLY B 337 14.64 20.94 25.23
N THR B 338 13.85 19.87 25.32
CA THR B 338 14.16 18.63 24.62
C THR B 338 13.74 18.75 23.16
N ARG B 339 12.65 19.42 22.88
CA ARG B 339 12.27 19.71 21.50
C ARG B 339 13.36 20.56 20.84
N ALA B 340 13.65 21.70 21.47
CA ALA B 340 14.66 22.62 20.97
C ALA B 340 15.89 21.85 20.54
N LEU B 341 16.36 20.98 21.42
CA LEU B 341 17.52 20.16 21.14
C LEU B 341 17.24 19.26 19.95
N ALA B 342 16.12 18.56 19.97
CA ALA B 342 15.78 17.62 18.91
C ALA B 342 15.79 18.32 17.54
N GLN B 343 15.17 19.50 17.49
CA GLN B 343 15.10 20.30 16.27
C GLN B 343 16.49 20.75 15.80
N ALA B 344 17.37 21.04 16.75
CA ALA B 344 18.74 21.44 16.43
C ALA B 344 19.52 20.32 15.74
N VAL B 345 19.36 19.10 16.24
CA VAL B 345 20.01 17.94 15.62
C VAL B 345 19.44 17.67 14.23
N ALA B 346 18.13 17.82 14.10
CA ALA B 346 17.46 17.67 12.80
C ALA B 346 17.99 18.68 11.76
N LYS B 347 17.75 19.97 11.99
CA LYS B 347 18.23 21.04 11.10
C LYS B 347 19.71 20.86 10.81
N SER B 348 20.45 20.39 11.81
CA SER B 348 21.89 20.25 11.70
C SER B 348 22.33 19.33 10.57
N THR B 349 23.58 19.52 10.18
CA THR B 349 24.16 18.90 9.03
C THR B 349 25.08 17.74 9.42
N ALA B 350 25.29 17.58 10.73
CA ALA B 350 26.09 16.48 11.26
C ALA B 350 25.36 15.16 11.10
N TYR B 351 26.14 14.09 11.01
CA TYR B 351 25.59 12.75 10.99
C TYR B 351 25.11 12.43 12.38
N SER B 352 23.78 12.42 12.57
CA SER B 352 23.16 12.20 13.89
C SER B 352 22.82 10.73 14.16
N ILE B 353 23.07 10.30 15.39
CA ILE B 353 22.78 8.93 15.82
C ILE B 353 22.07 8.99 17.16
N VAL B 354 20.83 8.51 17.23
CA VAL B 354 20.09 8.48 18.48
C VAL B 354 19.67 7.06 18.89
N GLY B 355 19.47 6.89 20.20
CA GLY B 355 19.07 5.62 20.79
C GLY B 355 18.54 5.82 22.20
N GLY B 356 17.82 4.84 22.72
CA GLY B 356 17.20 4.94 24.04
C GLY B 356 15.68 4.91 23.96
N GLY B 357 15.06 4.17 24.88
CA GLY B 357 13.60 4.02 24.92
C GLY B 357 12.91 5.35 24.98
N ASP B 358 13.26 6.17 25.98
CA ASP B 358 12.58 7.44 26.19
C ASP B 358 12.90 8.50 25.14
N THR B 359 14.12 8.50 24.62
CA THR B 359 14.57 9.44 23.58
C THR B 359 13.82 9.23 22.27
N LEU B 360 13.69 7.96 21.86
CA LEU B 360 12.82 7.62 20.74
C LEU B 360 11.38 8.07 21.02
N ALA B 361 10.91 7.89 22.25
CA ALA B 361 9.57 8.36 22.59
C ALA B 361 9.45 9.85 22.36
N ALA B 362 10.45 10.62 22.76
CA ALA B 362 10.48 12.07 22.49
C ALA B 362 10.44 12.37 20.99
N LEU B 363 11.41 11.85 20.24
CA LEU B 363 11.46 11.98 18.79
C LEU B 363 10.13 11.62 18.11
N ASP B 364 9.40 10.68 18.69
CA ASP B 364 8.08 10.34 18.19
C ASP B 364 7.08 11.47 18.51
N LYS B 365 7.12 12.00 19.74
CA LYS B 365 6.16 13.03 20.18
C LYS B 365 6.26 14.31 19.37
N PHE B 366 7.47 14.69 19.03
CA PHE B 366 7.73 15.89 18.26
C PHE B 366 7.72 15.62 16.74
N ASN B 367 7.36 14.39 16.37
CA ASN B 367 7.45 13.89 14.99
C ASN B 367 8.71 14.33 14.26
N LEU B 368 9.86 13.96 14.83
CA LEU B 368 11.17 14.24 14.22
C LEU B 368 12.03 13.00 13.91
N THR B 369 11.47 11.81 14.13
CA THR B 369 12.19 10.54 14.00
C THR B 369 12.93 10.35 12.67
N ASP B 370 12.27 10.55 11.55
CA ASP B 370 12.93 10.32 10.26
C ASP B 370 13.95 11.39 9.87
N GLN B 371 14.12 12.43 10.70
CA GLN B 371 15.14 13.46 10.43
C GLN B 371 16.51 13.19 11.05
N MET B 372 16.58 12.21 11.94
CA MET B 372 17.88 11.73 12.47
C MET B 372 18.46 10.77 11.45
N SER B 373 19.79 10.77 11.32
CA SER B 373 20.44 9.93 10.31
C SER B 373 20.26 8.47 10.62
N TYR B 374 20.30 8.13 11.91
CA TYR B 374 20.13 6.75 12.35
C TYR B 374 19.43 6.64 13.71
N VAL B 375 18.32 5.92 13.75
CA VAL B 375 17.61 5.65 14.99
C VAL B 375 17.82 4.20 15.40
N SER B 376 18.44 3.98 16.56
CA SER B 376 18.60 2.64 17.09
C SER B 376 17.39 2.25 17.92
N THR B 377 16.88 1.05 17.64
CA THR B 377 15.76 0.49 18.39
C THR B 377 16.25 -0.61 19.37
N ALA B 378 17.58 -0.67 19.56
CA ALA B 378 18.23 -1.77 20.26
C ALA B 378 18.21 -1.71 21.78
N GLY B 379 18.13 -0.50 22.34
CA GLY B 379 18.09 -0.34 23.79
C GLY B 379 19.41 -0.65 24.47
N GLY B 380 19.53 -1.83 25.05
CA GLY B 380 20.68 -2.21 25.86
C GLY B 380 21.95 -2.47 25.10
N ALA B 381 21.85 -3.12 23.95
CA ALA B 381 23.01 -3.40 23.13
C ALA B 381 23.55 -2.12 22.52
N PHE B 382 22.65 -1.19 22.19
CA PHE B 382 23.07 0.13 21.74
C PHE B 382 23.97 0.76 22.80
N LEU B 383 23.47 0.77 24.04
CA LEU B 383 24.17 1.41 25.15
C LEU B 383 25.51 0.74 25.45
N GLU B 384 25.52 -0.58 25.65
CA GLU B 384 26.77 -1.31 25.95
C GLU B 384 27.88 -1.12 24.88
N PHE B 385 27.47 -0.91 23.63
CA PHE B 385 28.43 -0.72 22.55
C PHE B 385 29.15 0.63 22.67
N LEU B 386 28.38 1.68 22.92
CA LEU B 386 28.93 3.00 23.17
C LEU B 386 29.74 3.06 24.49
N GLU B 387 29.45 2.17 25.44
CA GLU B 387 30.27 2.01 26.64
C GLU B 387 31.64 1.44 26.30
N GLY B 388 31.74 0.73 25.17
CA GLY B 388 33.02 0.21 24.68
C GLY B 388 33.32 -1.22 25.11
N LYS B 389 32.30 -1.93 25.58
CA LYS B 389 32.42 -3.36 25.83
C LYS B 389 32.59 -4.08 24.49
N ILE B 390 33.26 -5.23 24.53
CA ILE B 390 33.27 -6.13 23.39
C ILE B 390 32.10 -7.08 23.60
N LEU B 391 31.04 -6.80 22.86
CA LEU B 391 29.82 -7.58 22.86
C LEU B 391 30.08 -8.99 22.36
N PRO B 392 29.73 -10.02 23.16
CA PRO B 392 30.07 -11.42 22.85
C PRO B 392 29.78 -11.86 21.43
N ALA B 393 28.64 -11.47 20.87
CA ALA B 393 28.26 -11.87 19.53
C ALA B 393 29.28 -11.39 18.50
N ILE B 394 29.71 -10.14 18.67
CA ILE B 394 30.66 -9.48 17.75
C ILE B 394 32.06 -10.06 17.88
N LYS B 395 32.49 -10.30 19.11
CA LYS B 395 33.80 -10.86 19.37
C LYS B 395 33.99 -12.11 18.53
N ILE B 396 33.05 -13.05 18.64
CA ILE B 396 33.18 -14.34 17.96
C ILE B 396 33.13 -14.21 16.43
N LEU B 397 32.31 -13.29 15.93
CA LEU B 397 32.21 -13.09 14.47
C LEU B 397 33.55 -12.65 13.85
N THR B 398 34.31 -11.84 14.58
CA THR B 398 35.65 -11.45 14.14
C THR B 398 36.65 -12.60 14.33
N GLN B 399 36.66 -13.20 15.54
CA GLN B 399 37.51 -14.37 15.82
C GLN B 399 37.46 -15.38 14.70
N ARG B 400 36.29 -15.55 14.09
CA ARG B 400 36.10 -16.51 13.00
C ARG B 400 36.55 -15.95 11.65
N ALA B 401 36.36 -14.64 11.44
CA ALA B 401 36.87 -13.96 10.24
C ALA B 401 38.37 -14.13 10.13
N LYS B 402 39.06 -13.90 11.24
CA LYS B 402 40.49 -14.18 11.36
C LYS B 402 40.82 -15.58 10.86
N PRO C 13 -1.58 -31.64 -19.41
CA PRO C 13 -2.95 -31.93 -19.85
C PRO C 13 -3.44 -31.05 -21.00
N PHE C 14 -3.18 -29.74 -20.89
CA PHE C 14 -3.59 -28.78 -21.91
C PHE C 14 -2.61 -27.61 -22.03
N LEU C 15 -2.82 -26.76 -23.04
CA LEU C 15 -1.93 -25.64 -23.30
C LEU C 15 -2.11 -24.52 -22.28
N SER C 16 -1.04 -23.74 -22.11
CA SER C 16 -0.98 -22.66 -21.14
C SER C 16 -0.61 -21.32 -21.78
N MET C 17 -1.02 -20.22 -21.15
CA MET C 17 -0.70 -18.87 -21.62
C MET C 17 0.80 -18.56 -21.54
N SER C 18 1.46 -19.17 -20.57
CA SER C 18 2.90 -19.01 -20.36
C SER C 18 3.75 -19.59 -21.51
N ASN C 19 3.23 -20.62 -22.17
CA ASN C 19 3.94 -21.30 -23.24
C ASN C 19 3.61 -20.78 -24.64
N LEU C 20 2.76 -19.75 -24.71
CA LEU C 20 2.37 -19.17 -26.00
C LEU C 20 2.89 -17.74 -26.13
N ASN C 21 3.11 -17.33 -27.38
CA ASN C 21 3.64 -16.02 -27.69
C ASN C 21 2.50 -15.04 -27.98
N LEU C 22 2.37 -14.00 -27.15
CA LEU C 22 1.23 -13.07 -27.21
C LEU C 22 1.56 -11.70 -27.85
N HIS C 23 2.79 -11.54 -28.33
CA HIS C 23 3.23 -10.28 -28.94
C HIS C 23 2.26 -9.81 -30.04
N ASN C 24 1.60 -8.68 -29.78
CA ASN C 24 0.77 -8.01 -30.78
C ASN C 24 -0.49 -8.78 -31.22
N LYS C 25 -0.86 -9.81 -30.47
CA LYS C 25 -2.01 -10.63 -30.84
C LYS C 25 -3.27 -10.11 -30.15
N ARG C 26 -4.42 -10.51 -30.67
CA ARG C 26 -5.69 -10.23 -30.01
C ARG C 26 -5.94 -11.39 -29.05
N VAL C 27 -6.06 -11.08 -27.77
CA VAL C 27 -6.16 -12.09 -26.72
C VAL C 27 -7.42 -11.89 -25.92
N MET C 28 -8.21 -12.95 -25.87
CA MET C 28 -9.51 -12.94 -25.22
C MET C 28 -9.42 -13.77 -23.94
N ILE C 29 -9.41 -13.08 -22.80
CA ILE C 29 -9.26 -13.72 -21.49
C ILE C 29 -10.62 -13.78 -20.80
N ARG C 30 -11.12 -14.99 -20.55
CA ARG C 30 -12.35 -15.21 -19.79
C ARG C 30 -11.98 -15.26 -18.32
N GLU C 31 -12.51 -14.30 -17.56
CA GLU C 31 -12.26 -14.20 -16.13
C GLU C 31 -13.58 -14.26 -15.37
N ASP C 32 -13.47 -14.50 -14.07
CA ASP C 32 -14.59 -14.46 -13.15
C ASP C 32 -14.43 -13.15 -12.37
N LEU C 33 -15.06 -12.11 -12.90
CA LEU C 33 -15.12 -10.79 -12.28
C LEU C 33 -16.53 -10.54 -11.74
N ASN C 34 -17.23 -11.63 -11.41
CA ASN C 34 -18.61 -11.60 -10.92
C ASN C 34 -18.71 -11.14 -9.45
N VAL C 35 -18.46 -9.86 -9.23
CA VAL C 35 -18.34 -9.31 -7.89
C VAL C 35 -19.70 -8.98 -7.24
N PRO C 36 -19.80 -9.06 -5.90
CA PRO C 36 -20.99 -8.59 -5.16
C PRO C 36 -21.21 -7.08 -5.31
N MET C 37 -22.47 -6.62 -5.28
CA MET C 37 -22.78 -5.20 -5.45
C MET C 37 -23.96 -4.76 -4.60
N LYS C 38 -23.88 -3.52 -4.10
CA LYS C 38 -24.98 -2.90 -3.36
C LYS C 38 -25.37 -1.59 -4.02
N ASN C 39 -26.60 -1.52 -4.53
CA ASN C 39 -27.12 -0.31 -5.13
C ASN C 39 -26.03 0.41 -5.93
N GLY C 40 -25.43 -0.32 -6.87
CA GLY C 40 -24.51 0.29 -7.82
C GLY C 40 -23.03 0.21 -7.52
N LYS C 41 -22.63 -0.13 -6.29
CA LYS C 41 -21.21 -0.19 -5.92
C LYS C 41 -20.72 -1.59 -5.57
N ILE C 42 -19.40 -1.80 -5.61
CA ILE C 42 -18.81 -3.10 -5.33
C ILE C 42 -18.54 -3.23 -3.84
N THR C 43 -18.94 -4.35 -3.26
CA THR C 43 -18.68 -4.62 -1.84
C THR C 43 -17.50 -5.57 -1.60
N ASN C 44 -17.10 -6.32 -2.61
CA ASN C 44 -16.01 -7.27 -2.49
C ASN C 44 -15.32 -7.43 -3.84
N ASP C 45 -14.03 -7.16 -3.90
CA ASP C 45 -13.30 -7.12 -5.16
C ASP C 45 -12.19 -8.16 -5.21
N GLU C 46 -12.25 -9.14 -4.31
CA GLU C 46 -11.22 -10.16 -4.25
C GLU C 46 -11.00 -10.85 -5.60
N ARG C 47 -12.05 -10.91 -6.43
CA ARG C 47 -11.97 -11.59 -7.73
C ARG C 47 -11.20 -10.78 -8.75
N ILE C 48 -11.37 -9.46 -8.71
CA ILE C 48 -10.57 -8.58 -9.56
C ILE C 48 -9.11 -8.66 -9.14
N VAL C 49 -8.84 -8.52 -7.83
CA VAL C 49 -7.47 -8.60 -7.27
C VAL C 49 -6.78 -9.91 -7.66
N ARG C 50 -7.57 -10.97 -7.74
CA ARG C 50 -7.09 -12.31 -8.05
C ARG C 50 -6.82 -12.46 -9.56
N ALA C 51 -7.70 -11.88 -10.39
CA ALA C 51 -7.59 -11.91 -11.86
C ALA C 51 -6.53 -10.94 -12.42
N LEU C 52 -6.13 -9.97 -11.62
CA LEU C 52 -5.27 -8.91 -12.14
C LEU C 52 -4.00 -9.41 -12.84
N PRO C 53 -3.19 -10.27 -12.20
CA PRO C 53 -1.90 -10.66 -12.78
C PRO C 53 -1.99 -11.23 -14.21
N THR C 54 -3.02 -12.03 -14.48
CA THR C 54 -3.27 -12.57 -15.82
C THR C 54 -3.38 -11.45 -16.83
N ILE C 55 -4.05 -10.37 -16.42
CA ILE C 55 -4.22 -9.19 -17.27
C ILE C 55 -2.92 -8.35 -17.32
N GLN C 56 -2.13 -8.38 -16.25
CA GLN C 56 -0.84 -7.67 -16.22
C GLN C 56 0.21 -8.36 -17.10
N LYS C 57 0.21 -9.68 -17.10
CA LYS C 57 1.17 -10.45 -17.91
C LYS C 57 0.88 -10.32 -19.41
N ALA C 58 -0.41 -10.20 -19.76
CA ALA C 58 -0.83 -10.03 -21.15
C ALA C 58 -0.37 -8.68 -21.69
N ILE C 59 -0.66 -7.63 -20.93
CA ILE C 59 -0.25 -6.26 -21.25
C ILE C 59 1.29 -6.13 -21.30
N GLU C 60 1.98 -6.76 -20.35
CA GLU C 60 3.44 -6.68 -20.28
C GLU C 60 4.10 -7.32 -21.51
N GLN C 61 3.46 -8.37 -22.05
CA GLN C 61 3.89 -8.97 -23.31
C GLN C 61 3.26 -8.28 -24.53
N LYS C 62 2.55 -7.18 -24.27
CA LYS C 62 1.97 -6.32 -25.31
C LYS C 62 0.93 -7.03 -26.18
N ALA C 63 0.05 -7.77 -25.51
CA ALA C 63 -1.15 -8.32 -26.13
C ALA C 63 -2.14 -7.18 -26.36
N ARG C 64 -3.07 -7.43 -27.29
CA ARG C 64 -4.24 -6.57 -27.45
C ARG C 64 -5.33 -7.30 -26.68
N VAL C 65 -5.64 -6.80 -25.48
CA VAL C 65 -6.39 -7.58 -24.48
C VAL C 65 -7.89 -7.30 -24.43
N MET C 66 -8.68 -8.35 -24.65
CA MET C 66 -10.14 -8.30 -24.46
C MET C 66 -10.53 -9.12 -23.24
N ILE C 67 -10.96 -8.45 -22.18
CA ILE C 67 -11.33 -9.10 -20.93
C ILE C 67 -12.80 -9.47 -20.93
N LEU C 68 -13.06 -10.76 -20.74
CA LEU C 68 -14.41 -11.31 -20.87
C LEU C 68 -14.86 -11.81 -19.52
N SER C 69 -16.10 -11.47 -19.12
CA SER C 69 -16.66 -11.93 -17.83
C SER C 69 -18.19 -11.95 -17.74
N HIS C 70 -18.69 -12.68 -16.76
CA HIS C 70 -20.12 -12.67 -16.49
C HIS C 70 -20.35 -11.75 -15.30
N LEU C 71 -21.62 -11.46 -15.03
CA LEU C 71 -22.00 -10.69 -13.84
C LEU C 71 -23.46 -10.97 -13.60
N GLY C 72 -23.78 -11.48 -12.41
CA GLY C 72 -25.14 -11.81 -12.02
C GLY C 72 -25.82 -12.78 -12.98
N ARG C 73 -27.15 -12.69 -13.02
CA ARG C 73 -27.98 -13.45 -13.95
C ARG C 73 -28.98 -12.51 -14.63
N PRO C 74 -28.57 -11.84 -15.71
CA PRO C 74 -29.46 -11.00 -16.50
C PRO C 74 -30.35 -11.83 -17.44
N GLU C 75 -31.36 -11.18 -18.02
CA GLU C 75 -32.20 -11.80 -19.06
C GLU C 75 -31.47 -11.68 -20.40
N GLU C 76 -31.14 -12.81 -21.00
CA GLU C 76 -30.42 -12.78 -22.26
C GLU C 76 -31.16 -11.90 -23.29
N GLY C 77 -30.43 -10.89 -23.77
CA GLY C 77 -30.93 -9.97 -24.76
C GLY C 77 -31.45 -8.69 -24.15
N LYS C 78 -31.50 -8.61 -22.82
CA LYS C 78 -32.08 -7.46 -22.15
C LYS C 78 -31.02 -6.76 -21.29
N PHE C 79 -30.44 -5.71 -21.87
CA PHE C 79 -29.47 -4.90 -21.18
C PHE C 79 -30.12 -4.13 -20.02
N GLU C 80 -29.51 -4.30 -18.85
CA GLU C 80 -29.83 -3.52 -17.66
C GLU C 80 -28.52 -3.10 -16.97
N LYS C 81 -28.47 -1.85 -16.50
CA LYS C 81 -27.27 -1.31 -15.84
C LYS C 81 -26.92 -2.08 -14.55
N GLU C 82 -27.96 -2.62 -13.92
CA GLU C 82 -27.85 -3.50 -12.75
C GLU C 82 -26.87 -4.65 -12.96
N PHE C 83 -26.72 -5.12 -14.20
CA PHE C 83 -25.79 -6.19 -14.52
C PHE C 83 -24.72 -5.70 -15.50
N SER C 84 -24.35 -4.45 -15.39
CA SER C 84 -23.32 -3.89 -16.24
C SER C 84 -21.92 -4.06 -15.60
N LEU C 85 -20.92 -4.46 -16.39
CA LEU C 85 -19.55 -4.50 -15.89
C LEU C 85 -18.89 -3.11 -15.83
N ALA C 86 -19.70 -2.05 -15.79
CA ALA C 86 -19.18 -0.69 -15.73
C ALA C 86 -18.33 -0.44 -14.46
N PRO C 87 -18.90 -0.68 -13.25
CA PRO C 87 -18.14 -0.45 -12.02
C PRO C 87 -16.85 -1.25 -11.96
N VAL C 88 -16.85 -2.44 -12.56
CA VAL C 88 -15.64 -3.22 -12.67
C VAL C 88 -14.64 -2.46 -13.53
N ALA C 89 -15.12 -1.97 -14.68
CA ALA C 89 -14.27 -1.31 -15.67
C ALA C 89 -13.53 -0.10 -15.11
N ARG C 90 -14.19 0.61 -14.20
CA ARG C 90 -13.56 1.72 -13.49
C ARG C 90 -12.53 1.17 -12.52
N LEU C 91 -12.93 0.12 -11.79
CA LEU C 91 -12.09 -0.48 -10.75
C LEU C 91 -10.88 -1.24 -11.33
N LEU C 92 -10.96 -1.65 -12.59
CA LEU C 92 -9.81 -2.25 -13.31
C LEU C 92 -8.79 -1.19 -13.76
N SER C 93 -9.27 -0.08 -14.30
CA SER C 93 -8.41 1.01 -14.76
C SER C 93 -7.60 1.55 -13.58
N LYS C 94 -8.29 1.77 -12.46
CA LYS C 94 -7.66 2.23 -11.22
C LYS C 94 -6.46 1.35 -10.87
N LYS C 95 -6.58 0.05 -11.14
CA LYS C 95 -5.50 -0.90 -10.88
C LYS C 95 -4.35 -0.83 -11.90
N LEU C 96 -4.63 -0.55 -13.17
CA LEU C 96 -3.58 -0.60 -14.22
C LEU C 96 -3.18 0.81 -14.69
N ASN C 97 -2.83 1.62 -13.70
CA ASN C 97 -2.48 3.03 -13.87
C ASN C 97 -1.51 3.25 -15.04
N VAL C 100 -9.35 1.40 -18.87
CA VAL C 100 -9.92 0.15 -19.31
C VAL C 100 -11.38 0.40 -19.66
N PRO C 101 -11.66 0.66 -20.96
CA PRO C 101 -13.01 1.07 -21.33
C PRO C 101 -13.97 -0.09 -21.48
N LEU C 102 -15.21 0.13 -21.05
CA LEU C 102 -16.29 -0.84 -21.19
C LEU C 102 -16.75 -0.85 -22.65
N ILE C 103 -16.52 -1.96 -23.35
CA ILE C 103 -16.95 -2.08 -24.76
C ILE C 103 -18.26 -2.83 -24.84
N ASN C 104 -19.23 -2.23 -25.49
CA ASN C 104 -20.60 -2.68 -25.43
C ASN C 104 -21.08 -3.51 -26.64
N ASP C 105 -20.77 -3.03 -27.85
CA ASP C 105 -21.13 -3.73 -29.09
C ASP C 105 -19.95 -4.58 -29.57
N TRP C 106 -19.37 -5.36 -28.65
CA TRP C 106 -18.08 -6.01 -28.91
C TRP C 106 -18.10 -7.17 -29.91
N LEU C 107 -19.28 -7.72 -30.19
CA LEU C 107 -19.40 -8.88 -31.09
C LEU C 107 -19.10 -8.55 -32.53
N LYS C 108 -19.39 -7.32 -32.94
CA LYS C 108 -19.10 -6.87 -34.31
C LYS C 108 -17.64 -6.44 -34.52
N GLY C 109 -16.84 -6.53 -33.45
CA GLY C 109 -15.40 -6.29 -33.52
C GLY C 109 -14.97 -5.15 -32.61
N VAL C 110 -13.68 -5.12 -32.29
CA VAL C 110 -13.08 -3.96 -31.61
C VAL C 110 -11.60 -3.84 -31.97
N ALA C 111 -11.19 -2.62 -32.32
CA ALA C 111 -9.77 -2.29 -32.39
C ALA C 111 -9.28 -2.20 -30.95
N VAL C 112 -8.09 -2.73 -30.70
CA VAL C 112 -7.44 -2.65 -29.39
C VAL C 112 -5.95 -2.59 -29.65
N GLU C 113 -5.31 -1.52 -29.16
CA GLU C 113 -3.89 -1.30 -29.41
C GLU C 113 -3.04 -2.28 -28.60
N PRO C 114 -1.87 -2.67 -29.12
CA PRO C 114 -1.00 -3.52 -28.32
C PRO C 114 -0.71 -2.90 -26.96
N GLY C 115 -0.90 -3.69 -25.89
CA GLY C 115 -0.55 -3.25 -24.54
C GLY C 115 -1.67 -2.62 -23.74
N GLN C 116 -2.77 -2.23 -24.38
CA GLN C 116 -3.96 -1.79 -23.65
C GLN C 116 -4.93 -2.96 -23.52
N ALA C 117 -5.97 -2.75 -22.70
CA ALA C 117 -6.95 -3.79 -22.39
C ALA C 117 -8.33 -3.19 -22.35
N ILE C 118 -9.30 -3.93 -22.91
CA ILE C 118 -10.70 -3.51 -22.85
C ILE C 118 -11.54 -4.60 -22.17
N LEU C 119 -12.63 -4.19 -21.53
CA LEU C 119 -13.54 -5.14 -20.87
C LEU C 119 -14.86 -5.21 -21.63
N CYS C 120 -15.14 -6.36 -22.22
CA CYS C 120 -16.41 -6.58 -22.90
C CYS C 120 -17.55 -6.60 -21.89
N GLU C 121 -18.71 -6.13 -22.33
CA GLU C 121 -19.88 -6.06 -21.46
C GLU C 121 -20.35 -7.46 -21.12
N ASN C 122 -20.89 -7.63 -19.92
CA ASN C 122 -21.47 -8.89 -19.42
C ASN C 122 -21.85 -9.88 -20.51
N VAL C 123 -21.18 -11.02 -20.54
CA VAL C 123 -21.38 -12.02 -21.61
C VAL C 123 -22.73 -12.65 -21.57
N ARG C 124 -23.35 -12.62 -20.40
CA ARG C 124 -24.66 -13.22 -20.21
C ARG C 124 -25.80 -12.38 -20.76
N PHE C 125 -25.52 -11.21 -21.33
CA PHE C 125 -26.54 -10.44 -22.04
C PHE C 125 -26.83 -11.09 -23.37
N ASN C 126 -25.83 -11.76 -23.96
CA ASN C 126 -25.97 -12.29 -25.32
C ASN C 126 -26.96 -13.46 -25.45
N LYS C 127 -28.02 -13.24 -26.24
CA LYS C 127 -28.86 -14.34 -26.72
C LYS C 127 -27.96 -15.53 -27.09
N GLY C 128 -28.02 -16.59 -26.29
CA GLY C 128 -27.32 -17.84 -26.62
C GLY C 128 -26.18 -18.28 -25.74
N GLU C 129 -25.79 -17.45 -24.77
CA GLU C 129 -24.68 -17.80 -23.86
C GLU C 129 -24.97 -19.06 -23.07
N ASN C 130 -26.11 -19.07 -22.39
CA ASN C 130 -26.49 -20.21 -21.56
C ASN C 130 -26.74 -21.55 -22.27
N GLU C 131 -27.09 -21.54 -23.56
CA GLU C 131 -27.25 -22.76 -24.36
C GLU C 131 -25.97 -23.19 -25.10
N ASN C 132 -24.89 -22.44 -24.93
CA ASN C 132 -23.65 -22.70 -25.69
C ASN C 132 -23.90 -22.79 -27.20
N ASN C 133 -24.66 -21.81 -27.68
CA ASN C 133 -25.06 -21.70 -29.08
C ASN C 133 -23.85 -21.68 -29.98
N THR C 134 -23.89 -22.51 -31.02
CA THR C 134 -22.77 -22.64 -31.94
C THR C 134 -22.48 -21.31 -32.60
N GLU C 135 -23.48 -20.73 -33.26
CA GLU C 135 -23.30 -19.52 -34.05
C GLU C 135 -22.66 -18.43 -33.21
N LEU C 136 -23.19 -18.20 -32.01
CA LEU C 136 -22.63 -17.25 -31.07
C LEU C 136 -21.17 -17.54 -30.81
N ALA C 137 -20.84 -18.81 -30.58
CA ALA C 137 -19.47 -19.22 -30.21
C ALA C 137 -18.47 -18.98 -31.35
N LYS C 138 -18.86 -19.35 -32.57
CA LYS C 138 -18.04 -19.09 -33.75
C LYS C 138 -17.73 -17.59 -33.91
N ARG C 139 -18.70 -16.76 -33.57
CA ARG C 139 -18.55 -15.32 -33.69
C ARG C 139 -17.53 -14.80 -32.68
N MET C 140 -17.63 -15.29 -31.44
CA MET C 140 -16.65 -14.98 -30.40
C MET C 140 -15.25 -15.43 -30.84
N ALA C 141 -15.17 -16.58 -31.52
CA ALA C 141 -13.89 -17.13 -31.97
C ALA C 141 -13.28 -16.29 -33.10
N GLU C 142 -14.16 -15.69 -33.89
CA GLU C 142 -13.81 -14.77 -34.97
C GLU C 142 -13.02 -13.58 -34.41
N LEU C 143 -13.45 -13.08 -33.26
CA LEU C 143 -12.91 -11.83 -32.68
C LEU C 143 -11.47 -11.92 -32.09
N CYS C 144 -10.87 -13.10 -32.07
CA CYS C 144 -9.56 -13.25 -31.42
C CYS C 144 -8.63 -14.25 -32.10
N ASP C 145 -7.32 -14.02 -31.92
CA ASP C 145 -6.30 -14.97 -32.30
C ASP C 145 -6.22 -16.09 -31.27
N ILE C 146 -6.12 -15.70 -29.99
CA ILE C 146 -5.98 -16.66 -28.89
C ILE C 146 -7.07 -16.48 -27.83
N PHE C 147 -7.60 -17.60 -27.35
CA PHE C 147 -8.55 -17.60 -26.24
C PHE C 147 -7.90 -18.19 -25.00
N VAL C 148 -8.06 -17.50 -23.87
CA VAL C 148 -7.48 -17.94 -22.61
C VAL C 148 -8.60 -18.15 -21.59
N MET C 149 -8.94 -19.41 -21.32
CA MET C 149 -9.91 -19.74 -20.25
C MET C 149 -9.22 -19.67 -18.91
N ASP C 150 -9.45 -18.57 -18.21
CA ASP C 150 -8.85 -18.34 -16.92
C ASP C 150 -9.92 -18.26 -15.84
N ALA C 151 -10.98 -19.07 -15.99
CA ALA C 151 -12.18 -18.96 -15.11
C ALA C 151 -12.72 -20.32 -14.58
N PHE C 152 -11.93 -20.96 -13.69
CA PHE C 152 -12.32 -22.26 -13.14
C PHE C 152 -13.70 -22.28 -12.47
N ALA C 153 -14.05 -21.22 -11.75
CA ALA C 153 -15.35 -21.15 -11.11
C ALA C 153 -16.53 -21.30 -12.10
N THR C 154 -16.25 -21.12 -13.39
CA THR C 154 -17.27 -21.21 -14.45
C THR C 154 -17.13 -22.49 -15.31
N ALA C 155 -15.98 -23.17 -15.23
CA ALA C 155 -15.64 -24.28 -16.11
C ALA C 155 -16.58 -25.49 -16.07
N HIS C 156 -17.40 -25.58 -15.03
CA HIS C 156 -18.23 -26.76 -14.82
C HIS C 156 -19.57 -26.72 -15.57
N ARG C 157 -19.80 -25.64 -16.31
CA ARG C 157 -20.96 -25.52 -17.18
C ARG C 157 -20.56 -25.13 -18.59
N ALA C 158 -21.33 -25.62 -19.56
CA ALA C 158 -21.07 -25.43 -20.98
C ALA C 158 -21.82 -24.18 -21.43
N GLN C 159 -21.07 -23.14 -21.71
CA GLN C 159 -21.63 -21.89 -22.16
C GLN C 159 -20.71 -21.30 -23.22
N ALA C 160 -21.29 -20.59 -24.17
CA ALA C 160 -20.54 -20.02 -25.31
C ALA C 160 -19.20 -19.42 -24.90
N SER C 161 -19.20 -18.68 -23.79
CA SER C 161 -18.03 -17.97 -23.29
C SER C 161 -17.01 -18.83 -22.48
N THR C 162 -17.42 -20.05 -22.10
CA THR C 162 -16.58 -20.97 -21.31
C THR C 162 -16.22 -22.25 -22.06
N ALA C 163 -16.98 -22.59 -23.10
CA ALA C 163 -16.84 -23.88 -23.77
C ALA C 163 -16.86 -23.72 -25.28
N GLY C 164 -17.96 -23.16 -25.79
CA GLY C 164 -18.16 -23.03 -27.24
C GLY C 164 -17.04 -22.27 -27.92
N VAL C 165 -16.70 -21.11 -27.37
CA VAL C 165 -15.67 -20.28 -27.97
C VAL C 165 -14.35 -21.04 -28.09
N ALA C 166 -13.97 -21.75 -27.04
CA ALA C 166 -12.73 -22.52 -27.03
C ALA C 166 -12.75 -23.66 -28.05
N ALA C 167 -13.94 -24.17 -28.35
CA ALA C 167 -14.08 -25.24 -29.36
C ALA C 167 -13.65 -24.77 -30.75
N TYR C 168 -13.93 -23.50 -31.06
CA TYR C 168 -13.72 -22.95 -32.40
C TYR C 168 -12.67 -21.83 -32.51
N ALA C 169 -11.92 -21.57 -31.44
CA ALA C 169 -10.91 -20.49 -31.46
C ALA C 169 -9.58 -20.96 -32.05
N LYS C 170 -8.98 -20.15 -32.92
CA LYS C 170 -7.70 -20.47 -33.57
C LYS C 170 -6.72 -21.19 -32.64
N LEU C 171 -6.55 -20.60 -31.46
CA LEU C 171 -5.60 -21.09 -30.46
C LEU C 171 -6.28 -20.94 -29.08
N ALA C 172 -6.40 -22.04 -28.34
CA ALA C 172 -7.08 -22.02 -27.04
C ALA C 172 -6.19 -22.61 -25.94
N CYS C 173 -6.24 -22.00 -24.76
CA CYS C 173 -5.40 -22.39 -23.64
C CYS C 173 -6.02 -21.98 -22.31
N ALA C 174 -5.35 -22.38 -21.21
CA ALA C 174 -5.75 -21.97 -19.86
C ALA C 174 -4.84 -20.87 -19.31
N GLY C 175 -5.41 -19.96 -18.53
CA GLY C 175 -4.62 -18.94 -17.84
C GLY C 175 -4.03 -19.45 -16.54
N PRO C 176 -3.21 -18.64 -15.86
CA PRO C 176 -2.50 -19.09 -14.65
C PRO C 176 -3.38 -19.36 -13.43
N LEU C 177 -4.55 -18.70 -13.34
CA LEU C 177 -5.46 -18.97 -12.21
C LEU C 177 -6.06 -20.39 -12.29
N LEU C 178 -6.58 -20.73 -13.47
CA LEU C 178 -7.10 -22.08 -13.76
C LEU C 178 -6.03 -23.16 -13.68
N ILE C 179 -4.90 -22.93 -14.33
CA ILE C 179 -3.75 -23.84 -14.23
C ILE C 179 -3.45 -24.11 -12.75
N SER C 180 -3.41 -23.06 -11.94
CA SER C 180 -3.14 -23.23 -10.50
C SER C 180 -4.18 -24.14 -9.87
N GLU C 181 -5.45 -23.84 -10.13
CA GLU C 181 -6.55 -24.62 -9.57
C GLU C 181 -6.49 -26.08 -10.02
N VAL C 182 -6.22 -26.34 -11.29
CA VAL C 182 -6.13 -27.72 -11.76
C VAL C 182 -4.92 -28.41 -11.13
N GLU C 183 -3.77 -27.72 -11.12
CA GLU C 183 -2.55 -28.26 -10.54
C GLU C 183 -2.79 -28.73 -9.11
N ALA C 184 -3.39 -27.86 -8.29
CA ALA C 184 -3.62 -28.15 -6.87
C ALA C 184 -4.62 -29.30 -6.65
N LEU C 185 -5.78 -29.21 -7.27
CA LEU C 185 -6.77 -30.26 -7.09
C LEU C 185 -6.19 -31.60 -7.56
N SER C 186 -5.74 -31.67 -8.81
CA SER C 186 -5.31 -32.93 -9.39
C SER C 186 -3.98 -33.43 -8.79
N ARG C 187 -3.10 -32.51 -8.38
CA ARG C 187 -1.92 -32.89 -7.59
C ARG C 187 -2.29 -33.83 -6.44
N ALA C 188 -3.36 -33.47 -5.74
CA ALA C 188 -3.83 -34.27 -4.62
C ALA C 188 -4.92 -35.25 -5.01
N LEU C 189 -4.93 -35.73 -6.26
CA LEU C 189 -5.92 -36.72 -6.70
C LEU C 189 -5.47 -37.69 -7.82
N GLU C 190 -4.22 -37.58 -8.30
CA GLU C 190 -3.71 -38.50 -9.32
C GLU C 190 -2.28 -38.98 -9.05
N ASN C 191 -1.57 -38.28 -8.17
CA ASN C 191 -0.41 -38.88 -7.49
C ASN C 191 -0.20 -38.11 -6.19
N PRO C 192 -1.05 -38.39 -5.20
CA PRO C 192 -0.93 -37.75 -3.92
C PRO C 192 0.26 -38.30 -3.16
N GLN C 193 0.89 -37.46 -2.34
CA GLN C 193 1.91 -37.94 -1.42
C GLN C 193 1.20 -38.69 -0.32
N LYS C 194 1.35 -40.01 -0.28
CA LYS C 194 0.57 -40.84 0.63
C LYS C 194 1.05 -40.68 2.08
N PRO C 195 0.17 -40.99 3.07
CA PRO C 195 -1.27 -41.24 2.93
C PRO C 195 -2.08 -39.98 2.51
N LEU C 196 -3.08 -40.21 1.66
CA LEU C 196 -4.06 -39.18 1.32
C LEU C 196 -5.23 -39.34 2.26
N VAL C 197 -5.68 -38.25 2.87
CA VAL C 197 -6.87 -38.25 3.72
C VAL C 197 -7.87 -37.24 3.20
N ALA C 198 -9.16 -37.62 3.22
CA ALA C 198 -10.22 -36.73 2.76
C ALA C 198 -11.24 -36.58 3.88
N VAL C 199 -11.43 -35.35 4.34
CA VAL C 199 -12.48 -35.02 5.31
C VAL C 199 -13.66 -34.43 4.52
N VAL C 200 -14.87 -34.94 4.79
CA VAL C 200 -16.07 -34.53 4.07
C VAL C 200 -17.26 -34.32 5.06
N GLY C 201 -17.64 -33.07 5.22
CA GLY C 201 -18.67 -32.69 6.19
C GLY C 201 -19.77 -31.88 5.54
N GLY C 202 -20.89 -31.74 6.23
CA GLY C 202 -22.02 -31.05 5.64
C GLY C 202 -23.36 -31.53 6.15
N SER C 203 -24.41 -30.91 5.63
CA SER C 203 -25.76 -31.12 6.15
C SER C 203 -26.33 -32.44 5.66
N LYS C 204 -25.85 -32.91 4.50
CA LYS C 204 -26.51 -33.94 3.71
C LYS C 204 -25.53 -34.90 3.03
N VAL C 205 -25.75 -36.20 3.25
CA VAL C 205 -25.13 -37.28 2.46
C VAL C 205 -25.45 -37.09 0.98
N SER C 206 -26.71 -36.76 0.71
CA SER C 206 -27.28 -36.75 -0.64
C SER C 206 -26.64 -35.73 -1.60
N THR C 207 -26.00 -34.71 -1.05
CA THR C 207 -25.34 -33.70 -1.85
C THR C 207 -23.86 -34.02 -2.01
N LYS C 208 -23.37 -35.02 -1.28
CA LYS C 208 -21.92 -35.32 -1.28
C LYS C 208 -21.52 -36.78 -1.54
N ILE C 209 -22.53 -37.58 -1.88
CA ILE C 209 -22.35 -39.01 -2.11
C ILE C 209 -21.50 -39.29 -3.31
N HIS C 210 -21.61 -38.48 -4.35
CA HIS C 210 -20.87 -38.75 -5.57
C HIS C 210 -19.42 -38.41 -5.29
N LEU C 211 -19.18 -37.45 -4.42
CA LEU C 211 -17.82 -37.06 -4.04
C LEU C 211 -17.18 -38.16 -3.24
N LEU C 212 -17.93 -38.70 -2.29
CA LEU C 212 -17.45 -39.82 -1.50
C LEU C 212 -17.07 -41.00 -2.39
N GLU C 213 -17.83 -41.21 -3.47
CA GLU C 213 -17.61 -42.37 -4.36
C GLU C 213 -16.28 -42.28 -5.14
N ASN C 214 -15.96 -41.08 -5.59
CA ASN C 214 -14.75 -40.85 -6.33
C ASN C 214 -13.53 -40.89 -5.41
N LEU C 215 -13.64 -40.28 -4.24
CA LEU C 215 -12.53 -40.25 -3.28
C LEU C 215 -12.25 -41.63 -2.66
N LEU C 216 -13.28 -42.47 -2.57
CA LEU C 216 -13.11 -43.82 -2.06
C LEU C 216 -12.07 -44.60 -2.84
N ASP C 217 -12.05 -44.45 -4.15
CA ASP C 217 -11.08 -45.18 -4.99
C ASP C 217 -9.68 -44.63 -4.85
N LYS C 218 -9.53 -43.56 -4.08
CA LYS C 218 -8.31 -42.79 -4.08
C LYS C 218 -7.66 -42.63 -2.71
N VAL C 219 -8.46 -42.51 -1.65
CA VAL C 219 -7.92 -42.16 -0.35
C VAL C 219 -7.43 -43.38 0.41
N ASP C 220 -6.69 -43.12 1.50
CA ASP C 220 -6.30 -44.16 2.45
C ASP C 220 -7.15 -44.12 3.71
N GLN C 221 -7.45 -42.91 4.20
CA GLN C 221 -8.41 -42.70 5.27
C GLN C 221 -9.49 -41.79 4.73
N LEU C 222 -10.72 -41.91 5.25
CA LEU C 222 -11.82 -40.98 4.94
C LEU C 222 -12.60 -40.66 6.22
N ILE C 223 -12.92 -39.37 6.41
CA ILE C 223 -13.61 -38.90 7.59
C ILE C 223 -14.88 -38.15 7.22
N VAL C 224 -16.03 -38.62 7.68
CA VAL C 224 -17.29 -37.91 7.48
C VAL C 224 -17.64 -37.11 8.73
N GLY C 225 -18.24 -35.94 8.52
CA GLY C 225 -18.66 -35.07 9.62
C GLY C 225 -20.05 -34.49 9.45
N GLY C 226 -20.64 -34.06 10.56
CA GLY C 226 -21.97 -33.45 10.56
C GLY C 226 -23.11 -34.37 10.18
N GLY C 227 -24.13 -33.77 9.55
CA GLY C 227 -25.26 -34.53 8.98
C GLY C 227 -24.82 -35.83 8.36
N ILE C 228 -23.83 -35.75 7.46
CA ILE C 228 -23.21 -36.93 6.84
C ILE C 228 -22.87 -37.97 7.90
N ALA C 229 -22.04 -37.60 8.87
CA ALA C 229 -21.63 -38.57 9.90
C ALA C 229 -22.85 -39.07 10.69
N ASN C 230 -23.73 -38.16 11.05
CA ASN C 230 -24.95 -38.55 11.75
C ASN C 230 -25.74 -39.61 10.93
N THR C 231 -25.77 -39.46 9.62
CA THR C 231 -26.45 -40.46 8.76
C THR C 231 -25.73 -41.81 8.82
N PHE C 232 -24.40 -41.78 8.80
CA PHE C 232 -23.61 -43.01 8.81
C PHE C 232 -23.74 -43.76 10.14
N LEU C 233 -23.63 -43.00 11.23
CA LEU C 233 -23.86 -43.53 12.56
C LEU C 233 -25.23 -44.24 12.68
N LYS C 234 -26.25 -43.71 12.01
CA LYS C 234 -27.59 -44.29 12.10
C LYS C 234 -27.73 -45.52 11.19
N ALA C 235 -27.06 -45.50 10.03
CA ALA C 235 -26.93 -46.68 9.18
C ALA C 235 -26.24 -47.82 9.92
N GLN C 236 -25.33 -47.51 10.82
CA GLN C 236 -24.68 -48.53 11.63
C GLN C 236 -25.53 -49.05 12.79
N GLY C 237 -26.63 -48.35 13.10
CA GLY C 237 -27.59 -48.81 14.11
C GLY C 237 -27.52 -48.10 15.45
N TYR C 238 -26.72 -47.02 15.53
CA TYR C 238 -26.69 -46.19 16.73
C TYR C 238 -27.97 -45.34 16.81
N SER C 239 -28.32 -44.93 18.02
CA SER C 239 -29.41 -44.00 18.26
C SER C 239 -28.89 -42.57 18.34
N ILE C 240 -29.52 -41.64 17.62
CA ILE C 240 -29.02 -40.26 17.61
C ILE C 240 -30.09 -39.19 17.80
N GLY C 241 -31.20 -39.57 18.43
CA GLY C 241 -32.24 -38.62 18.83
C GLY C 241 -32.76 -37.82 17.66
N LYS C 242 -32.82 -36.51 17.83
CA LYS C 242 -33.35 -35.62 16.81
C LYS C 242 -32.23 -35.04 15.94
N SER C 243 -31.02 -35.63 16.00
CA SER C 243 -29.92 -35.17 15.14
C SER C 243 -30.30 -35.13 13.67
N LEU C 244 -29.71 -34.18 12.96
CA LEU C 244 -29.88 -34.07 11.50
C LEU C 244 -29.38 -35.33 10.82
N CYS C 245 -30.23 -35.92 9.99
CA CYS C 245 -29.93 -37.11 9.24
C CYS C 245 -30.85 -37.22 8.04
N GLU C 246 -30.43 -38.00 7.06
CA GLU C 246 -31.25 -38.29 5.90
C GLU C 246 -31.57 -39.77 5.92
N ASN C 247 -32.74 -40.13 6.44
CA ASN C 247 -33.22 -41.51 6.50
C ASN C 247 -33.27 -42.18 5.15
N GLU C 248 -33.58 -41.43 4.12
CA GLU C 248 -33.70 -42.00 2.77
C GLU C 248 -32.38 -42.44 2.15
N TRP C 249 -31.26 -42.11 2.81
CA TRP C 249 -29.94 -42.46 2.33
C TRP C 249 -29.19 -43.43 3.26
N LEU C 250 -29.91 -44.02 4.21
CA LEU C 250 -29.33 -44.96 5.17
C LEU C 250 -28.78 -46.20 4.48
N ASP C 251 -29.55 -46.74 3.53
CA ASP C 251 -29.06 -47.84 2.70
C ASP C 251 -27.82 -47.43 1.91
N ALA C 252 -27.83 -46.22 1.38
CA ALA C 252 -26.69 -45.73 0.60
C ALA C 252 -25.47 -45.63 1.49
N ALA C 253 -25.66 -45.04 2.67
CA ALA C 253 -24.58 -44.88 3.64
C ALA C 253 -24.04 -46.23 4.10
N GLN C 254 -24.94 -47.19 4.30
CA GLN C 254 -24.54 -48.51 4.77
C GLN C 254 -23.72 -49.21 3.71
N GLN C 255 -24.17 -49.15 2.47
CA GLN C 255 -23.47 -49.79 1.38
C GLN C 255 -22.14 -49.13 1.11
N PHE C 256 -22.06 -47.81 1.32
CA PHE C 256 -20.80 -47.12 1.17
C PHE C 256 -19.83 -47.58 2.27
N TRP C 257 -20.33 -47.72 3.50
CA TRP C 257 -19.51 -48.22 4.61
C TRP C 257 -18.88 -49.54 4.25
N GLU C 258 -19.67 -50.41 3.62
CA GLU C 258 -19.20 -51.74 3.26
C GLU C 258 -18.14 -51.70 2.16
N LYS C 259 -18.39 -50.93 1.11
CA LYS C 259 -17.42 -50.73 0.02
C LYS C 259 -16.11 -50.31 0.61
N ALA C 260 -16.16 -49.41 1.60
CA ALA C 260 -14.94 -48.94 2.27
C ALA C 260 -14.22 -50.11 2.95
N ALA C 261 -14.98 -50.95 3.63
CA ALA C 261 -14.42 -52.08 4.34
C ALA C 261 -13.58 -52.98 3.41
N GLU C 262 -14.16 -53.41 2.28
CA GLU C 262 -13.46 -54.33 1.38
C GLU C 262 -12.32 -53.70 0.57
N LYS C 263 -12.31 -52.38 0.48
CA LYS C 263 -11.20 -51.65 -0.11
C LYS C 263 -10.14 -51.35 0.94
N ASN C 264 -10.45 -51.62 2.20
CA ASN C 264 -9.55 -51.32 3.32
C ASN C 264 -9.25 -49.82 3.48
N VAL C 265 -10.26 -49.00 3.21
CA VAL C 265 -10.17 -47.58 3.46
C VAL C 265 -10.71 -47.30 4.87
N SER C 266 -9.87 -46.74 5.73
CA SER C 266 -10.30 -46.48 7.09
C SER C 266 -11.35 -45.36 7.09
N LEU C 267 -12.40 -45.58 7.85
CA LEU C 267 -13.55 -44.73 7.81
C LEU C 267 -14.08 -44.60 9.24
N PRO C 268 -13.29 -43.95 10.13
CA PRO C 268 -13.65 -43.83 11.54
C PRO C 268 -14.81 -42.87 11.71
N LEU C 269 -15.87 -43.33 12.33
CA LEU C 269 -17.01 -42.50 12.65
C LEU C 269 -16.83 -41.86 14.05
N PRO C 270 -17.61 -40.83 14.35
CA PRO C 270 -17.59 -40.25 15.71
C PRO C 270 -17.89 -41.27 16.80
N VAL C 271 -16.96 -41.44 17.75
CA VAL C 271 -17.19 -42.30 18.92
C VAL C 271 -17.71 -41.50 20.10
N ASP C 272 -17.34 -40.22 20.19
CA ASP C 272 -17.94 -39.29 21.15
C ASP C 272 -18.38 -37.99 20.49
N VAL C 273 -19.46 -37.38 21.02
CA VAL C 273 -20.10 -36.19 20.42
C VAL C 273 -20.51 -35.18 21.48
N ILE C 274 -20.79 -33.94 21.10
CA ILE C 274 -21.41 -33.01 22.06
C ILE C 274 -22.85 -32.72 21.67
N VAL C 275 -23.75 -32.92 22.65
CA VAL C 275 -25.17 -32.83 22.44
C VAL C 275 -25.79 -31.78 23.34
N ALA C 276 -26.93 -31.28 22.89
CA ALA C 276 -27.75 -30.33 23.64
C ALA C 276 -29.18 -30.58 23.18
N ASP C 277 -30.14 -30.05 23.92
CA ASP C 277 -31.56 -30.24 23.56
C ASP C 277 -32.16 -29.00 22.87
N GLU C 278 -31.31 -28.02 22.56
CA GLU C 278 -31.70 -26.86 21.77
C GLU C 278 -30.41 -26.22 21.25
N LEU C 279 -30.42 -25.77 19.99
CA LEU C 279 -29.22 -25.23 19.36
C LEU C 279 -29.07 -23.72 19.60
N SER C 280 -28.28 -23.37 20.61
CA SER C 280 -28.00 -21.97 20.96
C SER C 280 -26.76 -21.86 21.90
N GLU C 281 -26.12 -20.69 21.94
CA GLU C 281 -24.92 -20.49 22.80
C GLU C 281 -25.23 -20.69 24.30
N ASP C 282 -26.48 -21.05 24.62
CA ASP C 282 -27.08 -20.83 25.92
C ASP C 282 -27.40 -22.12 26.68
N ALA C 283 -27.72 -23.19 25.96
CA ALA C 283 -28.18 -24.46 26.54
C ALA C 283 -27.02 -25.35 27.01
N LYS C 284 -27.33 -26.31 27.87
CA LYS C 284 -26.34 -27.30 28.35
C LYS C 284 -25.68 -28.13 27.22
N ALA C 285 -24.40 -27.90 26.97
CA ALA C 285 -23.66 -28.77 26.05
C ALA C 285 -23.08 -29.90 26.89
N THR C 286 -23.25 -31.14 26.42
CA THR C 286 -22.86 -32.33 27.18
C THR C 286 -22.07 -33.27 26.29
N VAL C 287 -20.89 -33.66 26.75
CA VAL C 287 -20.04 -34.60 26.03
C VAL C 287 -20.44 -36.01 26.41
N LYS C 288 -20.61 -36.85 25.40
CA LYS C 288 -21.28 -38.13 25.52
C LYS C 288 -20.64 -39.15 24.62
N ASN C 289 -20.80 -40.41 25.01
CA ASN C 289 -20.52 -41.51 24.13
C ASN C 289 -21.74 -41.68 23.24
N ILE C 290 -21.47 -41.95 21.98
CA ILE C 290 -22.51 -42.27 21.03
C ILE C 290 -23.59 -43.21 21.64
N ASP C 291 -23.18 -44.15 22.51
CA ASP C 291 -24.10 -44.99 23.28
C ASP C 291 -25.23 -44.18 23.90
N ALA C 292 -24.84 -43.07 24.53
CA ALA C 292 -25.65 -42.42 25.55
C ALA C 292 -26.60 -41.32 25.06
N VAL C 293 -26.75 -41.15 23.74
CA VAL C 293 -27.60 -40.11 23.19
C VAL C 293 -29.07 -40.47 23.37
N THR C 294 -29.78 -39.67 24.15
CA THR C 294 -31.20 -39.93 24.46
C THR C 294 -32.09 -39.35 23.38
N SER C 295 -33.41 -39.51 23.53
CA SER C 295 -34.33 -39.37 22.39
C SER C 295 -34.62 -37.92 21.93
N ASN C 296 -34.35 -36.93 22.75
CA ASN C 296 -34.54 -35.55 22.28
C ASN C 296 -33.32 -34.65 22.48
N GLU C 297 -32.16 -35.23 22.17
CA GLU C 297 -30.91 -34.51 22.03
C GLU C 297 -30.50 -34.60 20.57
N SER C 298 -29.54 -33.76 20.17
CA SER C 298 -29.05 -33.80 18.81
C SER C 298 -27.56 -33.62 18.88
N ILE C 299 -26.85 -34.21 17.91
CA ILE C 299 -25.39 -34.11 17.84
C ILE C 299 -24.97 -32.87 17.08
N PHE C 300 -24.25 -31.98 17.74
CA PHE C 300 -23.78 -30.72 17.09
C PHE C 300 -22.27 -30.63 16.87
N ASP C 301 -21.53 -31.58 17.42
CA ASP C 301 -20.07 -31.58 17.30
C ASP C 301 -19.52 -32.95 17.65
N VAL C 302 -18.30 -33.22 17.21
CA VAL C 302 -17.56 -34.36 17.70
C VAL C 302 -17.08 -34.10 19.13
N GLY C 303 -16.65 -35.15 19.79
CA GLY C 303 -16.01 -35.06 21.11
C GLY C 303 -14.49 -35.10 21.03
N PRO C 304 -13.83 -35.11 22.20
CA PRO C 304 -12.37 -35.06 22.24
C PRO C 304 -11.69 -36.33 21.71
N ASN C 305 -12.26 -37.50 22.02
CA ASN C 305 -11.73 -38.79 21.54
C ASN C 305 -11.75 -38.88 20.02
N THR C 306 -12.87 -38.45 19.44
CA THR C 306 -13.00 -38.40 18.00
C THR C 306 -12.03 -37.40 17.39
N SER C 307 -12.03 -36.16 17.85
CA SER C 307 -11.17 -35.16 17.20
C SER C 307 -9.67 -35.35 17.51
N ALA C 308 -9.34 -36.35 18.34
CA ALA C 308 -7.96 -36.80 18.52
C ALA C 308 -7.62 -37.86 17.46
N THR C 309 -8.57 -38.76 17.23
CA THR C 309 -8.49 -39.68 16.08
C THR C 309 -8.26 -38.91 14.77
N TYR C 310 -9.07 -37.88 14.53
CA TYR C 310 -8.85 -37.04 13.35
C TYR C 310 -7.48 -36.38 13.41
N ALA C 311 -7.12 -35.84 14.58
CA ALA C 311 -5.86 -35.14 14.75
C ALA C 311 -4.66 -36.04 14.38
N LYS C 312 -4.77 -37.34 14.70
CA LYS C 312 -3.72 -38.29 14.36
C LYS C 312 -3.57 -38.45 12.84
N LEU C 313 -4.71 -38.62 12.16
CA LEU C 313 -4.70 -38.86 10.71
C LEU C 313 -4.19 -37.65 9.92
N MET C 314 -4.50 -36.43 10.38
CA MET C 314 -3.97 -35.21 9.75
C MET C 314 -2.46 -35.11 9.95
N ALA C 315 -1.98 -35.37 11.18
CA ALA C 315 -0.56 -35.27 11.50
C ALA C 315 0.29 -36.27 10.69
N GLN C 316 -0.27 -37.44 10.41
CA GLN C 316 0.41 -38.52 9.70
C GLN C 316 0.26 -38.40 8.18
N ALA C 317 -0.62 -37.50 7.74
CA ALA C 317 -1.00 -37.40 6.34
C ALA C 317 0.09 -36.79 5.48
N GLY C 318 0.23 -37.29 4.26
CA GLY C 318 1.07 -36.67 3.24
C GLY C 318 0.30 -35.69 2.35
N THR C 319 -1.01 -35.90 2.23
CA THR C 319 -1.88 -34.99 1.49
C THR C 319 -3.22 -34.96 2.18
N ILE C 320 -3.93 -33.84 2.14
CA ILE C 320 -5.26 -33.70 2.75
C ILE C 320 -6.23 -32.95 1.83
N VAL C 321 -7.48 -33.39 1.78
CA VAL C 321 -8.53 -32.73 0.99
C VAL C 321 -9.74 -32.57 1.89
N TRP C 322 -10.17 -31.33 2.17
CA TRP C 322 -11.19 -31.10 3.19
C TRP C 322 -12.29 -30.18 2.70
N ASN C 323 -13.51 -30.71 2.72
CA ASN C 323 -14.68 -29.97 2.31
C ASN C 323 -15.82 -30.16 3.30
N GLY C 324 -16.00 -29.21 4.21
CA GLY C 324 -17.17 -29.23 5.10
C GLY C 324 -16.80 -29.24 6.56
N PRO C 325 -17.40 -28.33 7.34
CA PRO C 325 -17.16 -28.33 8.77
C PRO C 325 -17.84 -29.52 9.45
N ILE C 326 -17.22 -30.03 10.50
CA ILE C 326 -17.62 -31.28 11.14
C ILE C 326 -18.42 -31.06 12.43
N GLY C 327 -18.76 -29.81 12.73
CA GLY C 327 -19.80 -29.48 13.69
C GLY C 327 -20.43 -28.13 13.38
N VAL C 328 -21.41 -27.74 14.18
CA VAL C 328 -22.09 -26.47 14.00
C VAL C 328 -21.17 -25.37 14.52
N PHE C 329 -20.08 -25.16 13.78
CA PHE C 329 -19.03 -24.22 14.20
C PHE C 329 -19.50 -22.80 14.43
N GLU C 330 -20.60 -22.40 13.80
CA GLU C 330 -21.08 -20.99 13.84
C GLU C 330 -21.45 -20.56 15.26
N ILE C 331 -22.07 -21.46 16.01
CA ILE C 331 -22.31 -21.22 17.42
C ILE C 331 -21.08 -21.75 18.15
N GLU C 332 -20.74 -21.13 19.27
CA GLU C 332 -19.40 -21.24 19.85
C GLU C 332 -19.15 -22.51 20.68
N ALA C 333 -20.19 -23.02 21.33
CA ALA C 333 -20.05 -24.26 22.11
C ALA C 333 -19.78 -25.45 21.17
N PHE C 334 -20.29 -25.34 19.95
CA PHE C 334 -20.30 -26.46 19.04
C PHE C 334 -19.23 -26.32 17.95
N SER C 335 -18.16 -25.58 18.29
CA SER C 335 -17.10 -25.23 17.36
C SER C 335 -15.76 -25.90 17.65
N GLN C 336 -15.62 -26.48 18.83
CA GLN C 336 -14.32 -27.00 19.26
C GLN C 336 -13.84 -28.08 18.30
N GLY C 337 -14.76 -28.93 17.82
CA GLY C 337 -14.40 -29.98 16.87
C GLY C 337 -13.79 -29.49 15.55
N THR C 338 -14.39 -28.44 14.99
CA THR C 338 -14.02 -27.96 13.67
C THR C 338 -12.76 -27.12 13.73
N ARG C 339 -12.59 -26.34 14.80
CA ARG C 339 -11.32 -25.66 15.04
C ARG C 339 -10.17 -26.68 15.19
N ALA C 340 -10.33 -27.60 16.14
CA ALA C 340 -9.35 -28.66 16.39
C ALA C 340 -8.86 -29.26 15.11
N LEU C 341 -9.81 -29.64 14.25
CA LEU C 341 -9.50 -30.20 12.94
C LEU C 341 -8.72 -29.19 12.13
N ALA C 342 -9.22 -27.96 12.03
CA ALA C 342 -8.60 -26.93 11.19
C ALA C 342 -7.15 -26.74 11.60
N GLN C 343 -6.92 -26.65 12.90
CA GLN C 343 -5.59 -26.47 13.45
C GLN C 343 -4.68 -27.66 13.12
N ALA C 344 -5.25 -28.86 13.13
CA ALA C 344 -4.48 -30.07 12.80
C ALA C 344 -3.95 -30.03 11.37
N VAL C 345 -4.81 -29.61 10.44
CA VAL C 345 -4.41 -29.49 9.04
C VAL C 345 -3.34 -28.43 8.88
N ALA C 346 -3.50 -27.31 9.61
CA ALA C 346 -2.52 -26.22 9.60
C ALA C 346 -1.16 -26.69 10.09
N LYS C 347 -1.07 -27.09 11.36
CA LYS C 347 0.19 -27.60 11.94
C LYS C 347 0.77 -28.71 11.07
N SER C 348 -0.10 -29.51 10.45
CA SER C 348 0.35 -30.64 9.65
C SER C 348 1.18 -30.25 8.45
N THR C 349 1.94 -31.24 8.00
CA THR C 349 2.99 -31.08 7.01
C THR C 349 2.51 -31.53 5.64
N ALA C 350 1.30 -32.11 5.60
CA ALA C 350 0.69 -32.56 4.36
C ALA C 350 0.30 -31.38 3.52
N TYR C 351 0.30 -31.58 2.19
CA TYR C 351 -0.20 -30.58 1.26
C TYR C 351 -1.71 -30.53 1.40
N SER C 352 -2.22 -29.50 2.07
CA SER C 352 -3.68 -29.35 2.35
C SER C 352 -4.42 -28.57 1.25
N ILE C 353 -5.61 -29.04 0.91
CA ILE C 353 -6.47 -28.42 -0.09
C ILE C 353 -7.86 -28.32 0.49
N VAL C 354 -8.39 -27.11 0.64
CA VAL C 354 -9.77 -26.93 1.15
C VAL C 354 -10.66 -26.20 0.17
N GLY C 355 -11.96 -26.38 0.32
CA GLY C 355 -12.96 -25.72 -0.52
C GLY C 355 -14.33 -25.84 0.13
N GLY C 356 -15.29 -25.05 -0.34
CA GLY C 356 -16.64 -25.03 0.23
C GLY C 356 -16.97 -23.70 0.88
N GLY C 357 -18.17 -23.19 0.64
CA GLY C 357 -18.61 -21.91 1.17
C GLY C 357 -18.47 -21.83 2.67
N ASP C 358 -19.05 -22.81 3.37
CA ASP C 358 -19.07 -22.80 4.83
C ASP C 358 -17.70 -23.12 5.45
N THR C 359 -16.92 -23.99 4.79
CA THR C 359 -15.58 -24.36 5.25
C THR C 359 -14.62 -23.18 5.23
N LEU C 360 -14.67 -22.43 4.14
CA LEU C 360 -13.95 -21.16 4.08
C LEU C 360 -14.44 -20.22 5.18
N ALA C 361 -15.75 -20.16 5.40
CA ALA C 361 -16.27 -19.35 6.47
C ALA C 361 -15.63 -19.72 7.82
N ALA C 362 -15.51 -21.02 8.08
CA ALA C 362 -14.83 -21.53 9.30
C ALA C 362 -13.38 -21.08 9.37
N LEU C 363 -12.61 -21.43 8.34
CA LEU C 363 -11.21 -21.02 8.23
C LEU C 363 -11.01 -19.51 8.41
N ASP C 364 -12.01 -18.73 8.03
CA ASP C 364 -11.98 -17.29 8.26
C ASP C 364 -12.20 -16.99 9.75
N LYS C 365 -13.18 -17.66 10.37
CA LYS C 365 -13.53 -17.39 11.77
C LYS C 365 -12.40 -17.67 12.73
N PHE C 366 -11.66 -18.75 12.46
CA PHE C 366 -10.54 -19.17 13.29
C PHE C 366 -9.22 -18.51 12.85
N ASN C 367 -9.32 -17.61 11.87
CA ASN C 367 -8.17 -17.00 11.18
C ASN C 367 -7.04 -17.99 10.88
N LEU C 368 -7.38 -19.04 10.13
CA LEU C 368 -6.41 -20.05 9.69
C LEU C 368 -6.27 -20.16 8.16
N THR C 369 -6.97 -19.30 7.41
CA THR C 369 -7.03 -19.39 5.94
C THR C 369 -5.67 -19.47 5.23
N ASP C 370 -4.75 -18.58 5.54
CA ASP C 370 -3.44 -18.60 4.84
C ASP C 370 -2.50 -19.77 5.25
N GLN C 371 -2.93 -20.62 6.21
CA GLN C 371 -2.13 -21.78 6.63
C GLN C 371 -2.46 -23.07 5.87
N MET C 372 -3.54 -23.08 5.10
CA MET C 372 -3.83 -24.17 4.15
C MET C 372 -3.01 -23.94 2.89
N SER C 373 -2.55 -25.02 2.27
CA SER C 373 -1.69 -24.87 1.09
C SER C 373 -2.47 -24.27 -0.08
N TYR C 374 -3.74 -24.66 -0.22
CA TYR C 374 -4.60 -24.12 -1.28
C TYR C 374 -6.04 -23.97 -0.84
N VAL C 375 -6.56 -22.75 -0.97
CA VAL C 375 -7.97 -22.49 -0.70
C VAL C 375 -8.70 -22.24 -2.02
N SER C 376 -9.68 -23.09 -2.33
CA SER C 376 -10.53 -22.89 -3.49
C SER C 376 -11.70 -22.00 -3.13
N THR C 377 -11.92 -20.99 -3.97
CA THR C 377 -13.05 -20.08 -3.84
C THR C 377 -14.13 -20.40 -4.90
N ALA C 378 -13.99 -21.56 -5.55
CA ALA C 378 -14.80 -21.93 -6.71
C ALA C 378 -16.21 -22.49 -6.40
N GLY C 379 -16.40 -23.07 -5.22
CA GLY C 379 -17.72 -23.61 -4.86
C GLY C 379 -18.13 -24.88 -5.60
N GLY C 380 -18.92 -24.71 -6.66
CA GLY C 380 -19.50 -25.84 -7.39
C GLY C 380 -18.54 -26.59 -8.31
N ALA C 381 -17.68 -25.84 -9.01
CA ALA C 381 -16.72 -26.45 -9.92
C ALA C 381 -15.67 -27.19 -9.11
N PHE C 382 -15.34 -26.66 -7.93
CA PHE C 382 -14.42 -27.36 -7.03
C PHE C 382 -14.98 -28.74 -6.71
N LEU C 383 -16.26 -28.75 -6.34
CA LEU C 383 -16.94 -29.98 -5.95
C LEU C 383 -17.06 -30.95 -7.12
N GLU C 384 -17.64 -30.51 -8.24
CA GLU C 384 -17.80 -31.39 -9.40
C GLU C 384 -16.48 -32.05 -9.89
N PHE C 385 -15.36 -31.35 -9.72
CA PHE C 385 -14.07 -31.87 -10.17
C PHE C 385 -13.62 -33.03 -9.29
N LEU C 386 -13.75 -32.85 -7.97
CA LEU C 386 -13.46 -33.92 -7.03
C LEU C 386 -14.43 -35.11 -7.16
N GLU C 387 -15.66 -34.85 -7.66
CA GLU C 387 -16.59 -35.92 -8.00
C GLU C 387 -16.08 -36.75 -9.19
N GLY C 388 -15.24 -36.15 -10.02
CA GLY C 388 -14.63 -36.85 -11.14
C GLY C 388 -15.44 -36.65 -12.39
N LEU C 391 -15.55 -31.88 -16.67
CA LEU C 391 -16.00 -30.50 -16.76
C LEU C 391 -15.87 -29.99 -18.19
N PRO C 392 -16.98 -29.55 -18.80
CA PRO C 392 -17.00 -29.19 -20.24
C PRO C 392 -15.87 -28.28 -20.71
N ALA C 393 -15.53 -27.27 -19.92
CA ALA C 393 -14.49 -26.32 -20.29
C ALA C 393 -13.16 -27.03 -20.49
N ILE C 394 -12.85 -27.94 -19.57
CA ILE C 394 -11.59 -28.67 -19.55
C ILE C 394 -11.53 -29.69 -20.68
N LYS C 395 -12.64 -30.37 -20.90
CA LYS C 395 -12.70 -31.36 -21.96
C LYS C 395 -12.23 -30.73 -23.25
N ILE C 396 -12.83 -29.61 -23.64
CA ILE C 396 -12.54 -28.98 -24.93
C ILE C 396 -11.08 -28.47 -25.00
N LEU C 397 -10.56 -27.96 -23.90
CA LEU C 397 -9.19 -27.45 -23.88
C LEU C 397 -8.15 -28.52 -24.19
N THR C 398 -8.40 -29.74 -23.74
CA THR C 398 -7.54 -30.89 -24.08
C THR C 398 -7.80 -31.37 -25.52
N GLN C 399 -9.08 -31.56 -25.87
CA GLN C 399 -9.46 -31.92 -27.25
C GLN C 399 -8.73 -31.09 -28.28
N ARG C 400 -8.52 -29.80 -27.97
CA ARG C 400 -7.83 -28.89 -28.90
C ARG C 400 -6.31 -29.01 -28.80
N ALA C 401 -5.80 -29.29 -27.60
CA ALA C 401 -4.37 -29.56 -27.39
C ALA C 401 -3.93 -30.74 -28.24
N LYS C 402 -4.73 -31.81 -28.20
CA LYS C 402 -4.56 -32.94 -29.11
C LYS C 402 -4.29 -32.51 -30.54
N GLU C 403 -4.81 -31.36 -31.00
CA GLU C 403 -4.34 -30.79 -32.27
C GLU C 403 -2.87 -30.39 -32.14
N TYR C 404 -2.57 -29.57 -31.13
CA TYR C 404 -1.20 -29.07 -30.92
C TYR C 404 -0.23 -30.21 -30.57
MG MG D . -25.70 20.41 -14.35
PB ADP E . -14.44 25.99 -14.08
O1B ADP E . -14.78 24.53 -14.01
O2B ADP E . -13.89 26.54 -12.78
O3B ADP E . -13.66 26.39 -15.31
PA ADP E . -16.17 28.28 -14.24
O1A ADP E . -15.16 28.94 -13.32
O2A ADP E . -16.26 28.79 -15.66
O3A ADP E . -15.89 26.69 -14.31
O5' ADP E . -17.60 28.43 -13.51
C5' ADP E . -18.34 27.30 -13.02
C4' ADP E . -19.18 27.70 -11.81
O4' ADP E . -20.28 28.51 -12.24
C3' ADP E . -19.76 26.48 -11.09
O3' ADP E . -19.32 26.43 -9.73
C2' ADP E . -21.28 26.61 -11.23
O2' ADP E . -21.97 26.35 -10.00
C1' ADP E . -21.52 28.03 -11.71
N9 ADP E . -22.64 28.09 -12.71
C8 ADP E . -22.68 27.45 -13.91
N7 ADP E . -23.85 27.72 -14.54
C5 ADP E . -24.58 28.54 -13.76
C6 ADP E . -25.90 29.21 -13.82
N6 ADP E . -26.73 29.05 -14.88
N1 ADP E . -26.27 29.99 -12.76
C2 ADP E . -25.48 30.17 -11.67
N3 ADP E . -24.27 29.59 -11.56
C4 ADP E . -23.78 28.78 -12.54
MG MG F . 12.49 19.04 27.86
PB ADP G . 16.70 7.18 27.31
O1B ADP G . 15.88 7.68 26.14
O2B ADP G . 16.37 5.77 27.71
O3B ADP G . 18.17 7.47 27.20
PA ADP G . 16.42 7.69 30.08
O1A ADP G . 15.63 6.43 30.34
O2A ADP G . 17.91 7.67 30.30
O3A ADP G . 16.20 8.12 28.52
O5' ADP G . 15.78 8.85 31.01
C5' ADP G . 14.69 9.70 30.63
C4' ADP G . 13.71 9.88 31.80
O4' ADP G . 14.28 10.75 32.80
C3' ADP G . 12.38 10.50 31.37
O3' ADP G . 11.31 9.55 31.50
C2' ADP G . 12.17 11.74 32.24
O2' ADP G . 10.89 11.73 32.90
C1' ADP G . 13.32 11.73 33.26
N9 ADP G . 13.95 13.08 33.39
C8 ADP G . 14.71 13.70 32.46
N7 ADP G . 15.12 14.92 32.90
C5 ADP G . 14.64 15.10 34.15
C6 ADP G . 14.71 16.15 35.19
N6 ADP G . 15.39 17.31 35.00
N1 ADP G . 14.06 15.92 36.36
C2 ADP G . 13.37 14.78 36.59
N3 ADP G . 13.28 13.79 35.69
C4 ADP G . 13.87 13.88 34.46
MG MG H . -17.41 -27.79 15.24
PB ADP I . -19.52 -26.64 2.64
O1B ADP I . -18.40 -26.35 3.63
O2B ADP I . -20.34 -25.42 2.29
O3B ADP I . -19.08 -27.41 1.44
PA ADP I . -22.10 -27.65 3.52
O1A ADP I . -22.60 -26.31 3.06
O2A ADP I . -22.62 -28.89 2.82
O3A ADP I . -20.48 -27.67 3.47
O5' ADP I . -22.50 -27.84 5.08
C5' ADP I . -22.19 -26.93 6.15
C4' ADP I . -23.33 -26.89 7.15
O4' ADP I . -23.41 -28.13 7.85
C3' ADP I . -23.21 -25.80 8.21
O3' ADP I . -24.26 -24.84 8.09
C2' ADP I . -23.30 -26.52 9.56
O2' ADP I . -24.11 -25.80 10.51
C1' ADP I . -23.89 -27.88 9.19
N9 ADP I . -23.55 -28.96 10.18
C8 ADP I . -22.32 -29.45 10.42
N7 ADP I . -22.39 -30.43 11.38
C5 ADP I . -23.69 -30.57 11.76
C6 ADP I . -24.46 -31.42 12.71
N6 ADP I . -23.86 -32.34 13.50
N1 ADP I . -25.79 -31.24 12.77
C2 ADP I . -26.43 -30.32 12.01
N3 ADP I . -25.79 -29.53 11.12
C4 ADP I . -24.45 -29.59 10.95
#